data_1TN8
#
_entry.id   1TN8
#
_cell.length_a   171.147
_cell.length_b   171.147
_cell.length_c   69.326
_cell.angle_alpha   90.00
_cell.angle_beta   90.00
_cell.angle_gamma   120.00
#
_symmetry.space_group_name_H-M   'P 61'
#
loop_
_entity.id
_entity.type
_entity.pdbx_description
1 polymer 'Protein farnesyltransferase/geranylgeranyltransferase type I alpha subunit'
2 polymer 'Protein farnesyltransferase beta subunit'
3 polymer 'peptide derived from the C-terminus of H-Ras'
4 non-polymer 'ZINC ION'
5 non-polymer '[(3,7,11-TRIMETHYL-DODECA-2,6,10-TRIENYLOXYCARBAMOYL)-METHYL]-PHOSPHONIC ACID'
6 non-polymer 'ACETIC ACID'
7 water water
#
loop_
_entity_poly.entity_id
_entity_poly.type
_entity_poly.pdbx_seq_one_letter_code
_entity_poly.pdbx_strand_id
1 'polypeptide(L)'
;MAATEGVGESAPGGEPGQPEQPPPPPPPPPAQQPQEEEMAAEAGEAAASPMDDGFLSLDSPTYVLYRDRAEWADIDPVPQ
NDGPSPVVQIIYSEKFRDVYDYFRAVLQRDERSERAFKLTRDAIELNAANYTVWHFRRVLLRSLQKDLQEEMNYIIAIIE
EQPKNYQVWHHRRVLVEWLKDPSQELEFIADILNQDAKNYHAWQHRQWVIQEFRLWDNELQYVDQLLKEDVRNNSVWNQR
HFVISNTTGYSDRAVLEREVQYTLEMIKLVPHNESAWNYLKGILQDRGLSRYPNLLNQLLDLQPSHSSPYLIAFLVDIYE
DMLENQCDNKEDILNKALELCEILAKEKDTIRKEYWRYIGRSLQSKHSRESDIPASV
;
A
2 'polypeptide(L)'
;MASSSSFTYYCPPSSSPVWSEPLYSLRPEHARERLQDDSVETVTSIEQAKVEEKIQEVFSSYKFNHLVPRLVLQREKHFH
YLKRGLRQLTDAYECLDASRPWLCYWILHSLELLDEPIPQIVATDVCQFLELCQSPDGGFGGGPGQYPHLAPTYAAVNAL
CIIGTEEAYNVINREKLLQYLYSLKQPDGSFLMHVGGEVDVRSAYCAASVASLTNIITPDLFEGTAEWIARCQNWEGGIG
GVPGMEAHGGYTFCGLAALVILKKERSLNLKSLLQWVTSRQMRFEGGFQGRCNKLVDGCYSFWQAGLLPLLHRALHAQGD
PALSMSHWMFHQQALQEYILMCCQCPAGGLLDKPGKSRDFYHTCYCLSGLSIAQHFGSGAMLHDVVMGVPENVLQPTHPV
YNIGPDKVIQATTHFLQKPVPGFEECEDAVTSDPATD
;
B
3 'polypeptide(L)' GCVLS C
#
# COMPACT_ATOMS: atom_id res chain seq x y z
N PHE A 55 -29.71 22.34 6.59
CA PHE A 55 -30.28 23.71 6.46
C PHE A 55 -29.31 24.70 5.83
N LEU A 56 -28.24 25.04 6.56
CA LEU A 56 -27.25 25.99 6.05
C LEU A 56 -25.95 25.35 5.60
N SER A 57 -25.71 25.33 4.30
CA SER A 57 -24.51 24.76 3.71
C SER A 57 -23.21 25.34 4.23
N LEU A 58 -22.21 24.48 4.33
CA LEU A 58 -20.89 24.86 4.83
C LEU A 58 -20.19 25.88 3.95
N ASP A 59 -20.54 25.91 2.66
CA ASP A 59 -19.94 26.84 1.73
C ASP A 59 -20.84 28.01 1.35
N SER A 60 -22.03 28.04 1.95
CA SER A 60 -23.01 29.08 1.72
C SER A 60 -22.43 30.46 2.03
N PRO A 61 -22.73 31.47 1.20
CA PRO A 61 -22.20 32.82 1.44
C PRO A 61 -22.68 33.41 2.77
N THR A 62 -23.86 32.99 3.21
CA THR A 62 -24.43 33.48 4.47
C THR A 62 -24.25 32.49 5.63
N TYR A 63 -23.27 31.60 5.49
CA TYR A 63 -22.97 30.62 6.52
C TYR A 63 -22.52 31.37 7.76
N VAL A 64 -22.95 30.91 8.93
CA VAL A 64 -22.60 31.55 10.19
C VAL A 64 -21.93 30.55 11.15
N LEU A 65 -20.92 30.99 11.89
CA LEU A 65 -20.24 30.11 12.83
C LEU A 65 -21.26 29.64 13.84
N TYR A 66 -21.06 28.44 14.39
CA TYR A 66 -22.00 27.92 15.38
C TYR A 66 -22.04 28.75 16.65
N ARG A 67 -20.93 29.38 17.02
CA ARG A 67 -20.93 30.20 18.22
C ARG A 67 -21.76 31.47 18.02
N ASP A 68 -22.23 31.70 16.80
CA ASP A 68 -23.07 32.87 16.52
C ASP A 68 -24.48 32.47 16.18
N ARG A 69 -24.83 31.20 16.45
CA ARG A 69 -26.17 30.72 16.15
C ARG A 69 -27.01 30.67 17.42
N ALA A 70 -28.19 31.27 17.35
CA ALA A 70 -29.12 31.34 18.47
C ALA A 70 -29.50 29.96 19.01
N GLU A 71 -29.94 29.09 18.11
CA GLU A 71 -30.37 27.74 18.47
C GLU A 71 -29.29 26.90 19.13
N TRP A 72 -28.08 27.45 19.27
CA TRP A 72 -26.98 26.74 19.90
C TRP A 72 -26.46 27.45 21.14
N ALA A 73 -27.14 28.51 21.56
CA ALA A 73 -26.71 29.29 22.73
C ALA A 73 -26.61 28.52 24.04
N ASP A 74 -27.47 27.53 24.24
CA ASP A 74 -27.46 26.76 25.48
C ASP A 74 -26.23 25.88 25.64
N ILE A 75 -25.61 25.52 24.53
CA ILE A 75 -24.43 24.66 24.52
C ILE A 75 -23.11 25.40 24.64
N ASP A 76 -22.27 24.95 25.55
CA ASP A 76 -20.94 25.53 25.69
C ASP A 76 -20.00 24.65 24.89
N PRO A 77 -19.37 25.20 23.84
CA PRO A 77 -18.45 24.40 23.03
C PRO A 77 -17.35 23.79 23.88
N VAL A 78 -16.76 22.70 23.39
CA VAL A 78 -15.69 22.02 24.10
C VAL A 78 -14.39 22.10 23.31
N PRO A 79 -13.44 22.91 23.78
CA PRO A 79 -12.13 23.08 23.13
C PRO A 79 -11.36 21.78 23.10
N GLN A 80 -10.51 21.63 22.08
CA GLN A 80 -9.71 20.43 21.96
C GLN A 80 -8.66 20.38 23.05
N ASN A 81 -8.58 19.24 23.72
CA ASN A 81 -7.65 19.02 24.80
C ASN A 81 -6.28 18.56 24.30
N ASP A 82 -5.48 19.49 23.77
CA ASP A 82 -4.16 19.15 23.25
C ASP A 82 -3.06 19.17 24.29
N GLY A 83 -3.36 19.65 25.49
CA GLY A 83 -2.37 19.67 26.54
C GLY A 83 -1.60 20.97 26.64
N PRO A 84 -0.71 21.10 27.64
CA PRO A 84 0.10 22.29 27.87
C PRO A 84 1.05 22.67 26.73
N SER A 85 1.85 21.71 26.27
CA SER A 85 2.77 21.96 25.16
C SER A 85 2.56 20.92 24.06
N PRO A 86 1.64 21.21 23.13
CA PRO A 86 1.25 20.40 21.98
C PRO A 86 2.32 20.01 20.96
N VAL A 87 2.03 18.94 20.22
CA VAL A 87 2.89 18.46 19.14
C VAL A 87 1.97 18.28 17.93
N VAL A 88 2.52 18.36 16.72
CA VAL A 88 1.72 18.25 15.50
C VAL A 88 0.38 18.95 15.65
N GLN A 89 0.42 20.11 16.28
CA GLN A 89 -0.78 20.92 16.50
C GLN A 89 -1.16 21.55 15.19
N ILE A 90 -2.41 21.37 14.78
CA ILE A 90 -2.88 21.93 13.53
C ILE A 90 -3.52 23.30 13.75
N ILE A 91 -3.08 24.29 12.99
CA ILE A 91 -3.63 25.63 13.12
C ILE A 91 -4.91 25.68 12.29
N TYR A 92 -5.99 25.13 12.84
CA TYR A 92 -7.27 25.11 12.16
C TYR A 92 -7.82 26.49 11.86
N SER A 93 -8.62 26.55 10.80
CA SER A 93 -9.27 27.78 10.40
C SER A 93 -10.43 27.98 11.39
N GLU A 94 -10.97 29.20 11.44
CA GLU A 94 -12.08 29.53 12.31
C GLU A 94 -13.25 28.55 12.15
N LYS A 95 -13.70 28.40 10.91
CA LYS A 95 -14.82 27.50 10.60
C LYS A 95 -14.61 26.09 11.13
N PHE A 96 -13.42 25.55 10.93
CA PHE A 96 -13.10 24.21 11.36
C PHE A 96 -13.16 24.05 12.88
N ARG A 97 -12.39 24.87 13.58
CA ARG A 97 -12.35 24.79 15.04
C ARG A 97 -13.72 24.99 15.68
N ASP A 98 -14.51 25.87 15.08
CA ASP A 98 -15.84 26.18 15.56
C ASP A 98 -16.77 24.97 15.45
N VAL A 99 -16.81 24.35 14.28
CA VAL A 99 -17.66 23.18 14.09
C VAL A 99 -17.26 22.04 15.03
N TYR A 100 -15.96 21.79 15.11
CA TYR A 100 -15.50 20.71 15.96
C TYR A 100 -15.60 20.98 17.44
N ASP A 101 -15.52 22.25 17.85
CA ASP A 101 -15.65 22.57 19.27
C ASP A 101 -17.07 22.23 19.66
N TYR A 102 -18.00 22.43 18.73
CA TYR A 102 -19.39 22.11 19.00
C TYR A 102 -19.66 20.62 18.84
N PHE A 103 -18.92 19.96 17.95
CA PHE A 103 -19.13 18.53 17.77
C PHE A 103 -18.67 17.86 19.07
N ARG A 104 -17.54 18.32 19.60
CA ARG A 104 -17.02 17.77 20.84
C ARG A 104 -18.04 17.91 21.97
N ALA A 105 -18.82 18.98 21.94
CA ALA A 105 -19.82 19.19 22.97
C ALA A 105 -20.96 18.18 22.87
N VAL A 106 -21.56 18.05 21.68
CA VAL A 106 -22.67 17.12 21.55
C VAL A 106 -22.21 15.68 21.79
N LEU A 107 -21.00 15.34 21.35
CA LEU A 107 -20.48 14.00 21.54
C LEU A 107 -20.33 13.71 23.03
N GLN A 108 -19.72 14.66 23.74
CA GLN A 108 -19.49 14.53 25.18
C GLN A 108 -20.81 14.38 25.95
N ARG A 109 -21.83 15.12 25.55
CA ARG A 109 -23.15 15.06 26.20
C ARG A 109 -23.97 13.91 25.65
N ASP A 110 -23.49 13.33 24.55
CA ASP A 110 -24.20 12.27 23.86
C ASP A 110 -25.60 12.78 23.55
N GLU A 111 -25.66 14.03 23.07
CA GLU A 111 -26.94 14.63 22.70
C GLU A 111 -27.36 14.05 21.36
N ARG A 112 -28.43 13.29 21.37
CA ARG A 112 -28.92 12.68 20.15
C ARG A 112 -30.09 13.50 19.67
N SER A 113 -29.78 14.58 18.94
CA SER A 113 -30.79 15.50 18.45
C SER A 113 -30.68 15.81 16.98
N GLU A 114 -31.73 16.43 16.46
CA GLU A 114 -31.76 16.81 15.06
C GLU A 114 -30.65 17.82 14.76
N ARG A 115 -30.36 18.71 15.70
CA ARG A 115 -29.31 19.70 15.48
C ARG A 115 -27.93 19.03 15.49
N ALA A 116 -27.75 18.04 16.34
CA ALA A 116 -26.47 17.35 16.39
C ALA A 116 -26.29 16.64 15.03
N PHE A 117 -27.37 16.05 14.54
CA PHE A 117 -27.34 15.34 13.26
C PHE A 117 -26.84 16.25 12.16
N LYS A 118 -27.43 17.44 12.04
CA LYS A 118 -27.02 18.39 11.01
C LYS A 118 -25.59 18.86 11.24
N LEU A 119 -25.18 18.91 12.50
CA LEU A 119 -23.82 19.33 12.79
C LEU A 119 -22.78 18.32 12.25
N THR A 120 -23.11 17.03 12.27
CA THR A 120 -22.17 16.01 11.77
C THR A 120 -21.91 16.18 10.27
N ARG A 121 -22.90 16.67 9.54
CA ARG A 121 -22.73 16.89 8.10
C ARG A 121 -21.60 17.89 7.89
N ASP A 122 -21.60 18.99 8.65
CA ASP A 122 -20.56 20.00 8.51
C ASP A 122 -19.20 19.47 8.95
N ALA A 123 -19.19 18.72 10.05
CA ALA A 123 -17.95 18.15 10.56
C ALA A 123 -17.36 17.19 9.54
N ILE A 124 -18.23 16.41 8.90
CA ILE A 124 -17.78 15.46 7.89
C ILE A 124 -17.28 16.23 6.69
N GLU A 125 -17.98 17.29 6.32
CA GLU A 125 -17.55 18.07 5.18
C GLU A 125 -16.17 18.67 5.42
N LEU A 126 -15.89 19.06 6.66
CA LEU A 126 -14.59 19.64 6.98
C LEU A 126 -13.50 18.58 6.99
N ASN A 127 -13.86 17.36 7.38
CA ASN A 127 -12.90 16.27 7.38
C ASN A 127 -13.65 14.94 7.29
N ALA A 128 -13.83 14.46 6.07
CA ALA A 128 -14.55 13.23 5.84
C ALA A 128 -13.82 12.01 6.38
N ALA A 129 -12.56 12.19 6.76
CA ALA A 129 -11.79 11.07 7.30
C ALA A 129 -11.96 10.94 8.80
N ASN A 130 -12.74 11.81 9.42
CA ASN A 130 -12.92 11.70 10.86
C ASN A 130 -13.91 10.57 11.19
N TYR A 131 -13.39 9.36 11.37
CA TYR A 131 -14.25 8.21 11.65
C TYR A 131 -15.11 8.38 12.90
N THR A 132 -14.62 9.10 13.90
CA THR A 132 -15.41 9.31 15.12
C THR A 132 -16.72 10.02 14.78
N VAL A 133 -16.68 11.01 13.90
CA VAL A 133 -17.90 11.73 13.52
C VAL A 133 -18.86 10.80 12.77
N TRP A 134 -18.34 9.95 11.90
CA TRP A 134 -19.19 9.01 11.16
C TRP A 134 -19.89 8.05 12.11
N HIS A 135 -19.18 7.60 13.15
CA HIS A 135 -19.78 6.68 14.11
C HIS A 135 -20.95 7.36 14.83
N PHE A 136 -20.73 8.59 15.28
CA PHE A 136 -21.79 9.31 15.96
C PHE A 136 -22.94 9.56 15.01
N ARG A 137 -22.65 9.86 13.75
CA ARG A 137 -23.72 10.10 12.80
C ARG A 137 -24.59 8.85 12.65
N ARG A 138 -23.96 7.68 12.61
CA ARG A 138 -24.74 6.45 12.47
C ARG A 138 -25.56 6.22 13.74
N VAL A 139 -25.02 6.62 14.89
CA VAL A 139 -25.77 6.48 16.14
C VAL A 139 -27.02 7.35 16.02
N LEU A 140 -26.85 8.54 15.46
CA LEU A 140 -27.97 9.48 15.31
C LEU A 140 -28.99 8.98 14.28
N LEU A 141 -28.51 8.35 13.21
CA LEU A 141 -29.41 7.83 12.20
C LEU A 141 -30.42 6.87 12.82
N ARG A 142 -29.94 6.00 13.72
CA ARG A 142 -30.82 5.04 14.39
C ARG A 142 -31.67 5.65 15.51
N SER A 143 -31.06 6.38 16.43
CA SER A 143 -31.83 7.00 17.53
C SER A 143 -32.93 7.90 17.02
N LEU A 144 -32.61 8.74 16.05
CA LEU A 144 -33.58 9.67 15.51
C LEU A 144 -34.49 9.04 14.47
N GLN A 145 -34.27 7.77 14.16
CA GLN A 145 -35.09 7.08 13.16
C GLN A 145 -35.11 7.89 11.85
N LYS A 146 -33.95 8.29 11.37
CA LYS A 146 -33.87 9.06 10.14
C LYS A 146 -34.15 8.19 8.91
N ASP A 147 -34.76 8.79 7.89
CA ASP A 147 -35.06 8.08 6.66
C ASP A 147 -33.74 7.70 5.99
N LEU A 148 -33.48 6.39 5.86
CA LEU A 148 -32.24 5.92 5.27
C LEU A 148 -32.06 6.15 3.76
N GLN A 149 -33.15 6.26 3.01
CA GLN A 149 -33.02 6.56 1.58
C GLN A 149 -32.52 7.98 1.44
N GLU A 150 -32.96 8.85 2.34
CA GLU A 150 -32.52 10.24 2.30
C GLU A 150 -31.02 10.24 2.60
N GLU A 151 -30.60 9.37 3.52
CA GLU A 151 -29.19 9.27 3.88
C GLU A 151 -28.42 8.68 2.70
N MET A 152 -29.06 7.79 1.93
CA MET A 152 -28.42 7.23 0.75
C MET A 152 -28.18 8.35 -0.25
N ASN A 153 -29.15 9.22 -0.44
CA ASN A 153 -28.98 10.34 -1.39
C ASN A 153 -27.79 11.16 -0.93
N TYR A 154 -27.69 11.35 0.38
CA TYR A 154 -26.60 12.12 0.94
C TYR A 154 -25.22 11.46 0.71
N ILE A 155 -25.09 10.17 1.00
CA ILE A 155 -23.80 9.51 0.85
C ILE A 155 -23.39 9.45 -0.63
N ILE A 156 -24.36 9.35 -1.50
CA ILE A 156 -24.13 9.28 -2.94
C ILE A 156 -23.40 10.57 -3.34
N ALA A 157 -23.88 11.68 -2.82
CA ALA A 157 -23.29 12.98 -3.12
C ALA A 157 -21.88 13.15 -2.54
N ILE A 158 -21.69 12.72 -1.30
CA ILE A 158 -20.39 12.84 -0.64
C ILE A 158 -19.30 12.02 -1.33
N ILE A 159 -19.64 10.81 -1.73
CA ILE A 159 -18.70 9.93 -2.40
C ILE A 159 -18.35 10.54 -3.76
N GLU A 160 -19.35 11.07 -4.45
CA GLU A 160 -19.12 11.70 -5.74
C GLU A 160 -18.01 12.75 -5.62
N GLU A 161 -18.01 13.53 -4.54
CA GLU A 161 -16.98 14.55 -4.38
C GLU A 161 -15.69 14.10 -3.69
N GLN A 162 -15.76 13.08 -2.85
CA GLN A 162 -14.58 12.56 -2.15
C GLN A 162 -14.56 11.03 -2.25
N PRO A 163 -14.39 10.50 -3.47
CA PRO A 163 -14.37 9.06 -3.73
C PRO A 163 -13.20 8.19 -3.26
N LYS A 164 -12.10 8.81 -2.81
CA LYS A 164 -10.95 8.01 -2.38
C LYS A 164 -10.83 7.90 -0.86
N ASN A 165 -11.93 8.19 -0.19
CA ASN A 165 -11.99 8.15 1.26
C ASN A 165 -12.56 6.81 1.75
N TYR A 166 -11.97 6.25 2.80
CA TYR A 166 -12.43 4.98 3.34
C TYR A 166 -13.79 5.06 4.03
N GLN A 167 -13.96 6.07 4.86
CA GLN A 167 -15.19 6.22 5.62
C GLN A 167 -16.47 6.32 4.82
N VAL A 168 -16.45 7.04 3.70
CA VAL A 168 -17.67 7.20 2.93
C VAL A 168 -18.18 5.92 2.32
N TRP A 169 -17.27 5.08 1.86
CA TRP A 169 -17.67 3.80 1.28
C TRP A 169 -18.16 2.87 2.36
N HIS A 170 -17.52 2.88 3.53
CA HIS A 170 -17.97 2.01 4.59
C HIS A 170 -19.36 2.44 5.03
N HIS A 171 -19.58 3.75 5.07
CA HIS A 171 -20.89 4.28 5.47
C HIS A 171 -21.97 3.80 4.49
N ARG A 172 -21.68 3.88 3.20
CA ARG A 172 -22.65 3.44 2.19
C ARG A 172 -22.97 1.96 2.35
N ARG A 173 -21.96 1.16 2.67
CA ARG A 173 -22.15 -0.27 2.86
C ARG A 173 -23.09 -0.50 4.05
N VAL A 174 -22.84 0.21 5.14
CA VAL A 174 -23.70 0.06 6.30
C VAL A 174 -25.16 0.37 5.93
N LEU A 175 -25.36 1.42 5.15
CA LEU A 175 -26.72 1.78 4.74
C LEU A 175 -27.36 0.65 3.95
N VAL A 176 -26.64 0.14 2.95
CA VAL A 176 -27.15 -0.96 2.13
C VAL A 176 -27.49 -2.15 3.02
N GLU A 177 -26.61 -2.46 3.96
CA GLU A 177 -26.86 -3.56 4.88
C GLU A 177 -28.13 -3.32 5.67
N TRP A 178 -28.29 -2.12 6.20
CA TRP A 178 -29.50 -1.80 6.98
C TRP A 178 -30.77 -1.95 6.16
N LEU A 179 -30.76 -1.39 4.96
CA LEU A 179 -31.92 -1.43 4.07
C LEU A 179 -32.09 -2.75 3.35
N LYS A 180 -31.03 -3.55 3.31
CA LYS A 180 -31.05 -4.83 2.60
C LYS A 180 -31.49 -4.54 1.15
N ASP A 181 -31.03 -3.42 0.62
CA ASP A 181 -31.38 -3.03 -0.75
C ASP A 181 -30.18 -2.59 -1.59
N PRO A 182 -29.75 -3.43 -2.53
CA PRO A 182 -28.62 -3.16 -3.42
C PRO A 182 -29.04 -2.61 -4.78
N SER A 183 -30.33 -2.34 -4.94
CA SER A 183 -30.87 -1.86 -6.22
C SER A 183 -30.19 -0.67 -6.87
N GLN A 184 -29.60 0.21 -6.08
CA GLN A 184 -28.92 1.39 -6.63
C GLN A 184 -27.40 1.24 -6.79
N GLU A 185 -26.83 0.17 -6.23
CA GLU A 185 -25.38 0.03 -6.23
C GLU A 185 -24.58 -0.09 -7.52
N LEU A 186 -24.89 -1.05 -8.36
CA LEU A 186 -24.12 -1.22 -9.61
C LEU A 186 -24.11 0.03 -10.47
N GLU A 187 -25.24 0.71 -10.52
CA GLU A 187 -25.36 1.93 -11.31
C GLU A 187 -24.57 3.06 -10.67
N PHE A 188 -24.69 3.21 -9.35
CA PHE A 188 -23.95 4.27 -8.66
C PHE A 188 -22.45 4.06 -8.86
N ILE A 189 -22.00 2.85 -8.56
CA ILE A 189 -20.59 2.52 -8.70
C ILE A 189 -20.10 2.77 -10.13
N ALA A 190 -20.94 2.38 -11.09
CA ALA A 190 -20.62 2.57 -12.50
C ALA A 190 -20.35 4.04 -12.77
N ASP A 191 -21.13 4.92 -12.15
CA ASP A 191 -20.92 6.35 -12.38
C ASP A 191 -19.58 6.78 -11.79
N ILE A 192 -19.23 6.25 -10.62
CA ILE A 192 -17.96 6.61 -10.00
C ILE A 192 -16.82 6.06 -10.86
N LEU A 193 -16.97 4.84 -11.35
CA LEU A 193 -15.94 4.20 -12.16
C LEU A 193 -15.80 4.89 -13.49
N ASN A 194 -16.82 5.65 -13.87
CA ASN A 194 -16.78 6.39 -15.12
C ASN A 194 -15.86 7.61 -14.98
N GLN A 195 -15.65 8.07 -13.75
CA GLN A 195 -14.77 9.21 -13.52
C GLN A 195 -13.34 8.76 -13.22
N ASP A 196 -13.22 7.62 -12.53
CA ASP A 196 -11.91 7.02 -12.23
C ASP A 196 -12.15 5.52 -12.36
N ALA A 197 -11.75 4.97 -13.50
CA ALA A 197 -11.96 3.55 -13.78
C ALA A 197 -11.15 2.62 -12.92
N LYS A 198 -10.28 3.18 -12.07
CA LYS A 198 -9.44 2.37 -11.23
C LYS A 198 -9.62 2.61 -9.73
N ASN A 199 -10.70 3.31 -9.36
CA ASN A 199 -10.96 3.60 -7.95
C ASN A 199 -11.06 2.31 -7.16
N TYR A 200 -10.04 2.07 -6.33
CA TYR A 200 -9.96 0.86 -5.52
C TYR A 200 -11.18 0.59 -4.64
N HIS A 201 -11.62 1.60 -3.90
CA HIS A 201 -12.78 1.45 -3.00
C HIS A 201 -14.04 1.10 -3.79
N ALA A 202 -14.18 1.72 -4.96
CA ALA A 202 -15.34 1.49 -5.80
C ALA A 202 -15.38 0.02 -6.23
N TRP A 203 -14.25 -0.51 -6.70
CA TRP A 203 -14.22 -1.91 -7.09
C TRP A 203 -14.48 -2.84 -5.91
N GLN A 204 -13.93 -2.49 -4.74
CA GLN A 204 -14.12 -3.32 -3.54
C GLN A 204 -15.58 -3.32 -3.11
N HIS A 205 -16.23 -2.17 -3.20
CA HIS A 205 -17.63 -2.08 -2.84
C HIS A 205 -18.44 -2.90 -3.86
N ARG A 206 -18.07 -2.80 -5.12
CA ARG A 206 -18.76 -3.53 -6.19
C ARG A 206 -18.65 -5.04 -5.97
N GLN A 207 -17.48 -5.53 -5.61
CA GLN A 207 -17.33 -6.96 -5.38
C GLN A 207 -18.19 -7.36 -4.20
N TRP A 208 -18.18 -6.56 -3.14
CA TRP A 208 -18.98 -6.87 -1.97
C TRP A 208 -20.46 -6.95 -2.31
N VAL A 209 -20.96 -5.93 -3.01
CA VAL A 209 -22.37 -5.90 -3.39
C VAL A 209 -22.77 -7.11 -4.25
N ILE A 210 -22.01 -7.35 -5.31
CA ILE A 210 -22.25 -8.48 -6.20
C ILE A 210 -22.25 -9.81 -5.45
N GLN A 211 -21.24 -10.01 -4.63
CA GLN A 211 -21.11 -11.23 -3.86
C GLN A 211 -22.25 -11.42 -2.84
N GLU A 212 -22.47 -10.44 -1.98
CA GLU A 212 -23.50 -10.52 -0.95
C GLU A 212 -24.94 -10.70 -1.45
N PHE A 213 -25.26 -10.07 -2.58
CA PHE A 213 -26.61 -10.18 -3.11
C PHE A 213 -26.70 -11.01 -4.38
N ARG A 214 -25.62 -11.73 -4.70
CA ARG A 214 -25.59 -12.58 -5.88
C ARG A 214 -26.10 -11.83 -7.12
N LEU A 215 -25.37 -10.81 -7.55
CA LEU A 215 -25.75 -10.03 -8.72
C LEU A 215 -24.71 -10.22 -9.81
N TRP A 216 -24.40 -11.48 -10.08
CA TRP A 216 -23.38 -11.85 -11.07
C TRP A 216 -23.79 -11.74 -12.54
N ASP A 217 -25.07 -11.91 -12.80
CA ASP A 217 -25.65 -11.90 -14.14
C ASP A 217 -25.07 -11.00 -15.23
N ASN A 218 -24.91 -9.70 -14.96
CA ASN A 218 -24.40 -8.80 -16.00
C ASN A 218 -22.98 -8.27 -15.83
N GLU A 219 -22.27 -8.69 -14.79
CA GLU A 219 -20.93 -8.18 -14.56
C GLU A 219 -19.88 -8.48 -15.63
N LEU A 220 -19.93 -9.67 -16.23
CA LEU A 220 -18.95 -10.01 -17.25
C LEU A 220 -19.17 -9.07 -18.44
N GLN A 221 -20.41 -8.73 -18.71
CA GLN A 221 -20.74 -7.82 -19.79
C GLN A 221 -20.14 -6.45 -19.47
N TYR A 222 -20.28 -6.03 -18.20
CA TYR A 222 -19.74 -4.76 -17.76
C TYR A 222 -18.22 -4.77 -17.93
N VAL A 223 -17.60 -5.89 -17.57
CA VAL A 223 -16.16 -6.05 -17.70
C VAL A 223 -15.72 -5.89 -19.15
N ASP A 224 -16.40 -6.57 -20.07
CA ASP A 224 -16.04 -6.49 -21.48
C ASP A 224 -16.11 -5.04 -21.95
N GLN A 225 -17.16 -4.34 -21.52
CA GLN A 225 -17.33 -2.94 -21.90
C GLN A 225 -16.12 -2.10 -21.50
N LEU A 226 -15.70 -2.21 -20.23
CA LEU A 226 -14.57 -1.42 -19.75
C LEU A 226 -13.22 -1.84 -20.34
N LEU A 227 -13.05 -3.14 -20.59
CA LEU A 227 -11.80 -3.62 -21.19
C LEU A 227 -11.71 -3.05 -22.58
N LYS A 228 -12.86 -2.79 -23.18
CA LYS A 228 -12.91 -2.24 -24.52
C LYS A 228 -12.47 -0.77 -24.45
N GLU A 229 -12.91 -0.07 -23.41
CA GLU A 229 -12.53 1.32 -23.26
C GLU A 229 -11.04 1.42 -22.96
N ASP A 230 -10.52 0.51 -22.13
CA ASP A 230 -9.11 0.54 -21.79
C ASP A 230 -8.65 -0.87 -21.45
N VAL A 231 -8.12 -1.57 -22.46
CA VAL A 231 -7.68 -2.94 -22.28
C VAL A 231 -6.52 -3.05 -21.31
N ARG A 232 -6.00 -1.90 -20.88
CA ARG A 232 -4.89 -1.86 -19.94
C ARG A 232 -5.33 -1.68 -18.48
N ASN A 233 -6.64 -1.62 -18.24
CA ASN A 233 -7.15 -1.43 -16.88
C ASN A 233 -7.03 -2.70 -16.04
N ASN A 234 -5.98 -2.78 -15.22
CA ASN A 234 -5.76 -3.95 -14.38
C ASN A 234 -6.91 -4.25 -13.42
N SER A 235 -7.64 -3.22 -12.99
CA SER A 235 -8.76 -3.42 -12.08
C SER A 235 -9.83 -4.24 -12.77
N VAL A 236 -10.01 -3.99 -14.07
CA VAL A 236 -11.02 -4.69 -14.84
C VAL A 236 -10.60 -6.14 -15.11
N TRP A 237 -9.30 -6.37 -15.30
CA TRP A 237 -8.84 -7.74 -15.52
C TRP A 237 -9.04 -8.50 -14.21
N ASN A 238 -8.90 -7.79 -13.09
CA ASN A 238 -9.10 -8.41 -11.80
C ASN A 238 -10.58 -8.72 -11.62
N GLN A 239 -11.43 -7.81 -12.07
CA GLN A 239 -12.88 -8.01 -11.93
C GLN A 239 -13.31 -9.20 -12.80
N ARG A 240 -12.63 -9.39 -13.92
CA ARG A 240 -12.95 -10.49 -14.83
C ARG A 240 -12.64 -11.81 -14.11
N HIS A 241 -11.48 -11.86 -13.46
CA HIS A 241 -11.11 -13.07 -12.74
C HIS A 241 -12.05 -13.29 -11.57
N PHE A 242 -12.55 -12.19 -11.01
CA PHE A 242 -13.46 -12.26 -9.87
C PHE A 242 -14.78 -12.88 -10.31
N VAL A 243 -15.37 -12.33 -11.35
CA VAL A 243 -16.65 -12.82 -11.87
C VAL A 243 -16.60 -14.29 -12.30
N ILE A 244 -15.63 -14.63 -13.14
CA ILE A 244 -15.51 -15.99 -13.64
C ILE A 244 -15.26 -17.05 -12.57
N SER A 245 -14.26 -16.84 -11.71
CA SER A 245 -13.97 -17.84 -10.70
C SER A 245 -15.12 -18.06 -9.71
N ASN A 246 -16.02 -17.09 -9.59
CA ASN A 246 -17.15 -17.22 -8.68
C ASN A 246 -18.41 -17.72 -9.34
N THR A 247 -18.39 -17.79 -10.67
CA THR A 247 -19.55 -18.26 -11.42
C THR A 247 -19.28 -19.65 -12.01
N THR A 248 -18.63 -19.70 -13.17
CA THR A 248 -18.33 -20.97 -13.82
C THR A 248 -17.08 -21.62 -13.26
N GLY A 249 -16.05 -20.82 -13.07
CA GLY A 249 -14.80 -21.35 -12.56
C GLY A 249 -13.90 -21.48 -13.77
N TYR A 250 -12.65 -21.85 -13.57
CA TYR A 250 -11.74 -22.00 -14.70
C TYR A 250 -11.46 -23.46 -15.05
N SER A 251 -12.15 -24.39 -14.40
CA SER A 251 -11.94 -25.81 -14.68
C SER A 251 -12.71 -26.22 -15.92
N ASP A 252 -13.87 -25.62 -16.13
CA ASP A 252 -14.66 -25.91 -17.30
C ASP A 252 -13.77 -25.58 -18.50
N ARG A 253 -13.31 -26.61 -19.19
CA ARG A 253 -12.44 -26.46 -20.34
C ARG A 253 -12.94 -25.48 -21.39
N ALA A 254 -14.24 -25.43 -21.61
CA ALA A 254 -14.79 -24.52 -22.59
C ALA A 254 -14.53 -23.07 -22.18
N VAL A 255 -14.66 -22.78 -20.88
CA VAL A 255 -14.43 -21.44 -20.36
C VAL A 255 -12.95 -21.08 -20.40
N LEU A 256 -12.11 -21.97 -19.86
CA LEU A 256 -10.67 -21.72 -19.86
C LEU A 256 -10.17 -21.50 -21.28
N GLU A 257 -10.69 -22.30 -22.21
CA GLU A 257 -10.32 -22.21 -23.62
C GLU A 257 -10.64 -20.81 -24.12
N ARG A 258 -11.87 -20.39 -23.86
CA ARG A 258 -12.36 -19.08 -24.25
C ARG A 258 -11.49 -17.95 -23.72
N GLU A 259 -11.18 -18.01 -22.43
CA GLU A 259 -10.37 -16.97 -21.79
C GLU A 259 -8.98 -16.84 -22.36
N VAL A 260 -8.31 -17.97 -22.57
CA VAL A 260 -6.97 -17.95 -23.12
C VAL A 260 -6.96 -17.38 -24.53
N GLN A 261 -7.94 -17.78 -25.34
CA GLN A 261 -8.03 -17.28 -26.71
C GLN A 261 -8.24 -15.77 -26.68
N TYR A 262 -9.14 -15.34 -25.79
CA TYR A 262 -9.42 -13.92 -25.65
C TYR A 262 -8.17 -13.15 -25.27
N THR A 263 -7.46 -13.64 -24.25
CA THR A 263 -6.24 -12.99 -23.78
C THR A 263 -5.17 -12.93 -24.86
N LEU A 264 -4.87 -14.07 -25.49
CA LEU A 264 -3.87 -14.08 -26.55
C LEU A 264 -4.29 -13.11 -27.64
N GLU A 265 -5.60 -13.01 -27.86
CA GLU A 265 -6.09 -12.08 -28.87
C GLU A 265 -5.80 -10.62 -28.46
N MET A 266 -5.96 -10.33 -27.16
CA MET A 266 -5.69 -8.98 -26.66
C MET A 266 -4.19 -8.74 -26.68
N ILE A 267 -3.42 -9.80 -26.44
CA ILE A 267 -1.96 -9.69 -26.45
C ILE A 267 -1.45 -9.37 -27.86
N LYS A 268 -2.14 -9.87 -28.88
CA LYS A 268 -1.73 -9.60 -30.25
C LYS A 268 -1.98 -8.13 -30.59
N LEU A 269 -3.11 -7.62 -30.13
CA LEU A 269 -3.47 -6.23 -30.39
C LEU A 269 -2.61 -5.23 -29.61
N VAL A 270 -2.13 -5.63 -28.44
CA VAL A 270 -1.29 -4.77 -27.60
C VAL A 270 -0.27 -5.63 -26.87
N PRO A 271 0.77 -6.10 -27.60
CA PRO A 271 1.81 -6.95 -27.04
C PRO A 271 2.56 -6.47 -25.79
N HIS A 272 2.57 -5.18 -25.52
CA HIS A 272 3.28 -4.67 -24.34
C HIS A 272 2.38 -4.38 -23.13
N ASN A 273 1.09 -4.69 -23.25
CA ASN A 273 0.16 -4.48 -22.15
C ASN A 273 0.36 -5.59 -21.12
N GLU A 274 1.04 -5.26 -20.02
CA GLU A 274 1.35 -6.21 -18.97
C GLU A 274 0.15 -6.91 -18.30
N SER A 275 -1.02 -6.28 -18.32
CA SER A 275 -2.19 -6.89 -17.68
C SER A 275 -2.65 -8.20 -18.32
N ALA A 276 -2.71 -8.23 -19.65
CA ALA A 276 -3.13 -9.43 -20.37
C ALA A 276 -2.17 -10.59 -20.08
N TRP A 277 -0.89 -10.29 -19.99
CA TRP A 277 0.12 -11.32 -19.70
C TRP A 277 -0.03 -11.87 -18.29
N ASN A 278 -0.27 -10.98 -17.32
CA ASN A 278 -0.42 -11.42 -15.94
C ASN A 278 -1.68 -12.27 -15.78
N TYR A 279 -2.71 -11.94 -16.54
CA TYR A 279 -3.96 -12.68 -16.49
C TYR A 279 -3.74 -14.07 -17.10
N LEU A 280 -3.17 -14.11 -18.30
CA LEU A 280 -2.88 -15.36 -19.01
C LEU A 280 -2.10 -16.28 -18.08
N LYS A 281 -1.10 -15.74 -17.40
CA LYS A 281 -0.29 -16.51 -16.48
C LYS A 281 -1.07 -16.88 -15.23
N GLY A 282 -1.92 -15.96 -14.77
CA GLY A 282 -2.69 -16.21 -13.58
C GLY A 282 -3.71 -17.33 -13.67
N ILE A 283 -4.31 -17.51 -14.85
CA ILE A 283 -5.31 -18.55 -15.01
C ILE A 283 -4.78 -19.93 -15.42
N LEU A 284 -3.49 -20.03 -15.71
CA LEU A 284 -2.90 -21.30 -16.13
C LEU A 284 -1.82 -21.82 -15.19
N GLN A 285 -1.24 -20.93 -14.39
CA GLN A 285 -0.17 -21.29 -13.47
C GLN A 285 -0.50 -22.29 -12.38
N ASP A 286 -1.75 -22.31 -11.91
CA ASP A 286 -2.10 -23.24 -10.86
C ASP A 286 -2.12 -24.70 -11.29
N ARG A 287 -2.61 -24.97 -12.50
CA ARG A 287 -2.64 -26.34 -13.00
C ARG A 287 -1.26 -26.72 -13.51
N GLY A 288 -0.43 -25.72 -13.79
CA GLY A 288 0.91 -25.97 -14.28
C GLY A 288 1.01 -25.60 -15.74
N LEU A 289 1.92 -24.69 -16.09
CA LEU A 289 2.06 -24.26 -17.48
C LEU A 289 2.45 -25.41 -18.43
N SER A 290 3.25 -26.35 -17.94
CA SER A 290 3.68 -27.47 -18.76
C SER A 290 2.53 -28.40 -19.13
N ARG A 291 1.39 -28.25 -18.45
CA ARG A 291 0.22 -29.07 -18.71
C ARG A 291 -0.38 -28.72 -20.08
N TYR A 292 0.03 -27.58 -20.62
CA TYR A 292 -0.46 -27.14 -21.93
C TYR A 292 0.66 -26.97 -22.95
N PRO A 293 1.05 -28.08 -23.62
CA PRO A 293 2.11 -28.14 -24.62
C PRO A 293 2.01 -27.20 -25.81
N ASN A 294 0.79 -26.88 -26.25
CA ASN A 294 0.61 -25.98 -27.39
C ASN A 294 0.94 -24.53 -27.08
N LEU A 295 0.85 -24.17 -25.81
CA LEU A 295 1.11 -22.79 -25.39
C LEU A 295 2.53 -22.35 -25.73
N LEU A 296 3.51 -23.10 -25.25
CA LEU A 296 4.91 -22.80 -25.49
C LEU A 296 5.17 -22.45 -26.94
N ASN A 297 4.73 -23.32 -27.85
CA ASN A 297 4.92 -23.10 -29.27
C ASN A 297 4.27 -21.82 -29.73
N GLN A 298 2.97 -21.71 -29.50
CA GLN A 298 2.22 -20.53 -29.90
C GLN A 298 2.80 -19.20 -29.44
N LEU A 299 3.53 -19.22 -28.33
CA LEU A 299 4.15 -17.99 -27.82
C LEU A 299 5.38 -17.66 -28.66
N LEU A 300 6.10 -18.70 -29.06
CA LEU A 300 7.31 -18.54 -29.88
C LEU A 300 6.91 -17.97 -31.24
N ASP A 301 5.66 -18.18 -31.64
CA ASP A 301 5.16 -17.69 -32.92
C ASP A 301 4.97 -16.17 -32.90
N LEU A 302 5.04 -15.58 -31.72
CA LEU A 302 4.89 -14.14 -31.59
C LEU A 302 6.26 -13.51 -31.39
N GLN A 303 7.25 -14.35 -31.12
CA GLN A 303 8.63 -13.90 -30.90
C GLN A 303 9.06 -12.83 -31.92
N PRO A 304 8.80 -13.06 -33.21
CA PRO A 304 9.21 -12.09 -34.23
C PRO A 304 8.42 -10.78 -34.25
N SER A 305 7.13 -10.86 -34.57
CA SER A 305 6.29 -9.67 -34.66
C SER A 305 5.56 -9.14 -33.41
N HIS A 306 5.69 -9.83 -32.28
CA HIS A 306 5.00 -9.38 -31.06
C HIS A 306 5.85 -9.54 -29.80
N SER A 307 7.16 -9.47 -29.94
CA SER A 307 8.05 -9.63 -28.79
C SER A 307 7.89 -8.55 -27.70
N SER A 308 8.37 -8.87 -26.51
CA SER A 308 8.31 -7.97 -25.36
C SER A 308 9.03 -8.68 -24.22
N PRO A 309 9.39 -7.95 -23.16
CA PRO A 309 10.08 -8.61 -22.05
C PRO A 309 9.11 -9.59 -21.39
N TYR A 310 7.83 -9.37 -21.64
CA TYR A 310 6.75 -10.19 -21.08
C TYR A 310 6.69 -11.58 -21.72
N LEU A 311 6.80 -11.63 -23.04
CA LEU A 311 6.78 -12.90 -23.77
C LEU A 311 8.01 -13.72 -23.40
N ILE A 312 9.16 -13.04 -23.29
CA ILE A 312 10.40 -13.69 -22.93
C ILE A 312 10.28 -14.25 -21.53
N ALA A 313 9.67 -13.47 -20.64
CA ALA A 313 9.50 -13.86 -19.25
C ALA A 313 8.57 -15.07 -19.11
N PHE A 314 7.49 -15.08 -19.89
CA PHE A 314 6.54 -16.17 -19.86
C PHE A 314 7.27 -17.46 -20.27
N LEU A 315 8.00 -17.38 -21.38
CA LEU A 315 8.75 -18.54 -21.88
C LEU A 315 9.57 -19.17 -20.78
N VAL A 316 10.18 -18.34 -19.95
CA VAL A 316 10.99 -18.84 -18.85
C VAL A 316 10.11 -19.57 -17.84
N ASP A 317 8.91 -19.06 -17.60
CA ASP A 317 7.99 -19.69 -16.66
C ASP A 317 7.57 -21.07 -17.16
N ILE A 318 7.35 -21.18 -18.47
CA ILE A 318 6.97 -22.45 -19.07
C ILE A 318 8.13 -23.43 -18.90
N TYR A 319 9.34 -23.02 -19.30
CA TYR A 319 10.53 -23.86 -19.18
C TYR A 319 10.71 -24.30 -17.73
N GLU A 320 10.52 -23.34 -16.83
CA GLU A 320 10.65 -23.56 -15.40
C GLU A 320 9.76 -24.69 -14.89
N ASP A 321 8.48 -24.62 -15.24
CA ASP A 321 7.52 -25.63 -14.82
C ASP A 321 7.80 -26.96 -15.53
N MET A 322 8.28 -26.87 -16.77
CA MET A 322 8.62 -28.07 -17.53
C MET A 322 9.73 -28.83 -16.81
N LEU A 323 10.77 -28.12 -16.43
CA LEU A 323 11.90 -28.72 -15.73
C LEU A 323 11.46 -29.21 -14.35
N GLU A 324 10.31 -28.71 -13.90
CA GLU A 324 9.75 -29.07 -12.59
C GLU A 324 9.05 -30.42 -12.72
N ASN A 325 8.30 -30.58 -13.80
CA ASN A 325 7.59 -31.81 -14.08
C ASN A 325 8.43 -32.64 -15.04
N GLN A 326 9.72 -32.69 -14.73
CA GLN A 326 10.71 -33.43 -15.50
C GLN A 326 10.25 -33.79 -16.92
N CYS A 327 10.56 -32.91 -17.86
CA CYS A 327 10.20 -33.08 -19.26
C CYS A 327 11.31 -33.75 -20.05
N ASP A 328 11.11 -33.88 -21.36
CA ASP A 328 12.11 -34.47 -22.24
C ASP A 328 13.21 -33.45 -22.46
N ASN A 329 14.43 -33.92 -22.67
CA ASN A 329 15.57 -33.04 -22.89
C ASN A 329 15.65 -32.07 -21.71
N LYS A 330 15.77 -32.61 -20.51
CA LYS A 330 15.84 -31.78 -19.32
C LYS A 330 17.07 -30.88 -19.32
N GLU A 331 17.78 -30.80 -20.44
CA GLU A 331 18.96 -29.96 -20.51
C GLU A 331 18.84 -28.96 -21.64
N ASP A 332 18.16 -29.35 -22.70
CA ASP A 332 17.97 -28.45 -23.83
C ASP A 332 17.04 -27.32 -23.38
N ILE A 333 16.16 -27.65 -22.44
CA ILE A 333 15.20 -26.68 -21.91
C ILE A 333 15.91 -25.75 -20.94
N LEU A 334 16.74 -26.32 -20.08
CA LEU A 334 17.46 -25.52 -19.10
C LEU A 334 18.31 -24.42 -19.75
N ASN A 335 19.13 -24.79 -20.73
CA ASN A 335 19.97 -23.79 -21.39
C ASN A 335 19.11 -22.76 -22.12
N LYS A 336 17.99 -23.21 -22.68
CA LYS A 336 17.09 -22.31 -23.38
C LYS A 336 16.61 -21.26 -22.38
N ALA A 337 16.47 -21.69 -21.13
CA ALA A 337 16.00 -20.83 -20.04
C ALA A 337 17.05 -19.87 -19.52
N LEU A 338 18.26 -20.37 -19.31
CA LEU A 338 19.34 -19.53 -18.82
C LEU A 338 19.71 -18.50 -19.89
N GLU A 339 19.53 -18.87 -21.15
CA GLU A 339 19.80 -17.97 -22.26
C GLU A 339 18.87 -16.77 -22.16
N LEU A 340 17.59 -17.06 -21.93
CA LEU A 340 16.59 -16.01 -21.80
C LEU A 340 16.78 -15.18 -20.53
N CYS A 341 17.07 -15.85 -19.42
CA CYS A 341 17.28 -15.15 -18.15
C CYS A 341 18.42 -14.14 -18.24
N GLU A 342 19.43 -14.48 -19.03
CA GLU A 342 20.57 -13.59 -19.19
C GLU A 342 20.18 -12.45 -20.14
N ILE A 343 19.50 -12.79 -21.22
CA ILE A 343 19.05 -11.79 -22.18
C ILE A 343 18.21 -10.72 -21.48
N LEU A 344 17.40 -11.14 -20.52
CA LEU A 344 16.53 -10.24 -19.77
C LEU A 344 17.33 -9.41 -18.76
N ALA A 345 18.18 -10.06 -17.98
CA ALA A 345 19.01 -9.42 -16.97
C ALA A 345 20.06 -8.48 -17.52
N LYS A 346 20.37 -8.62 -18.81
CA LYS A 346 21.39 -7.79 -19.45
C LYS A 346 20.91 -6.92 -20.60
N GLU A 347 19.76 -7.23 -21.16
CA GLU A 347 19.26 -6.45 -22.28
C GLU A 347 17.78 -6.04 -22.26
N LYS A 348 16.90 -7.04 -22.39
CA LYS A 348 15.45 -6.82 -22.45
C LYS A 348 14.72 -6.41 -21.17
N ASP A 349 15.33 -6.56 -20.00
CA ASP A 349 14.66 -6.20 -18.75
C ASP A 349 15.64 -6.05 -17.60
N THR A 350 16.60 -5.14 -17.77
CA THR A 350 17.63 -4.92 -16.75
C THR A 350 17.18 -4.36 -15.40
N ILE A 351 16.03 -3.69 -15.36
CA ILE A 351 15.54 -3.14 -14.09
C ILE A 351 15.36 -4.28 -13.11
N ARG A 352 15.11 -5.47 -13.63
CA ARG A 352 14.91 -6.67 -12.82
C ARG A 352 16.10 -7.64 -12.91
N LYS A 353 17.29 -7.11 -13.13
CA LYS A 353 18.49 -7.93 -13.24
C LYS A 353 18.73 -8.79 -12.00
N GLU A 354 18.51 -8.24 -10.82
CA GLU A 354 18.70 -9.00 -9.58
C GLU A 354 17.73 -10.15 -9.43
N TYR A 355 16.58 -10.05 -10.08
CA TYR A 355 15.57 -11.11 -10.01
C TYR A 355 15.90 -12.18 -11.03
N TRP A 356 16.19 -11.76 -12.25
CA TRP A 356 16.53 -12.69 -13.32
C TRP A 356 17.78 -13.50 -13.05
N ARG A 357 18.77 -12.90 -12.38
CA ARG A 357 19.98 -13.62 -12.05
C ARG A 357 19.66 -14.68 -11.01
N TYR A 358 18.74 -14.34 -10.11
CA TYR A 358 18.32 -15.26 -9.06
C TYR A 358 17.58 -16.45 -9.68
N ILE A 359 16.72 -16.17 -10.65
CA ILE A 359 15.96 -17.23 -11.33
C ILE A 359 16.93 -18.14 -12.10
N GLY A 360 17.80 -17.52 -12.90
CA GLY A 360 18.78 -18.29 -13.66
C GLY A 360 19.59 -19.16 -12.72
N ARG A 361 19.89 -18.64 -11.54
CA ARG A 361 20.65 -19.36 -10.53
C ARG A 361 19.85 -20.52 -9.95
N SER A 362 18.59 -20.25 -9.60
CA SER A 362 17.72 -21.28 -9.02
C SER A 362 17.51 -22.45 -9.99
N LEU A 363 17.34 -22.13 -11.27
CA LEU A 363 17.13 -23.16 -12.28
C LEU A 363 18.35 -24.06 -12.40
N GLN A 364 19.53 -23.43 -12.39
CA GLN A 364 20.79 -24.16 -12.50
C GLN A 364 21.01 -24.99 -11.23
N SER A 365 20.67 -24.41 -10.08
CA SER A 365 20.83 -25.06 -8.79
C SER A 365 20.00 -26.33 -8.59
N LYS A 366 19.10 -26.62 -9.52
CA LYS A 366 18.28 -27.82 -9.35
C LYS A 366 17.89 -28.53 -10.64
N HIS A 367 18.37 -28.05 -11.78
CA HIS A 367 18.03 -28.69 -13.05
C HIS A 367 19.22 -28.99 -13.96
N SER A 368 20.43 -28.65 -13.54
CA SER A 368 21.61 -28.93 -14.34
C SER A 368 21.84 -30.45 -14.32
N ARG A 369 22.57 -30.99 -15.28
CA ARG A 369 22.81 -32.44 -15.31
C ARG A 369 23.56 -32.90 -14.06
N GLU A 370 24.23 -31.96 -13.39
CA GLU A 370 24.98 -32.25 -12.18
C GLU A 370 24.11 -32.15 -10.93
N SER A 371 22.94 -31.54 -11.07
CA SER A 371 22.00 -31.35 -9.96
C SER A 371 21.60 -32.61 -9.19
N ASP A 372 21.47 -33.74 -9.88
CA ASP A 372 21.10 -35.00 -9.21
C ASP A 372 22.29 -35.94 -9.06
N ILE A 373 23.47 -35.47 -9.45
CA ILE A 373 24.68 -36.28 -9.39
C ILE A 373 25.52 -36.06 -8.11
N PRO A 374 25.92 -37.17 -7.45
CA PRO A 374 26.72 -37.15 -6.22
C PRO A 374 27.98 -36.30 -6.37
N ALA A 375 28.50 -35.82 -5.23
CA ALA A 375 29.70 -35.00 -5.21
C ALA A 375 30.95 -35.75 -5.68
N SER A 376 31.08 -37.00 -5.26
CA SER A 376 32.22 -37.84 -5.62
C SER A 376 32.32 -38.23 -7.09
N VAL A 377 31.19 -38.29 -7.79
CA VAL A 377 31.17 -38.64 -9.20
C VAL A 377 32.08 -37.74 -10.04
N PRO B 17 35.42 4.21 -18.00
CA PRO B 17 35.62 5.09 -19.18
C PRO B 17 35.14 6.52 -18.92
N VAL B 18 35.61 7.45 -19.75
CA VAL B 18 35.25 8.85 -19.62
C VAL B 18 33.85 9.10 -20.16
N TRP B 19 33.49 8.36 -21.21
CA TRP B 19 32.18 8.48 -21.84
C TRP B 19 31.11 7.72 -21.05
N SER B 20 31.55 6.91 -20.09
CA SER B 20 30.65 6.10 -19.28
C SER B 20 29.89 6.92 -18.22
N GLU B 21 28.57 6.78 -18.23
CA GLU B 21 27.69 7.48 -17.29
C GLU B 21 27.44 6.59 -16.07
N PRO B 22 27.86 7.06 -14.87
CA PRO B 22 27.67 6.32 -13.62
C PRO B 22 26.22 6.21 -13.17
N LEU B 23 25.37 7.12 -13.66
CA LEU B 23 23.96 7.10 -13.30
C LEU B 23 23.13 6.31 -14.29
N TYR B 24 22.51 5.25 -13.79
CA TYR B 24 21.68 4.35 -14.56
C TYR B 24 20.61 5.04 -15.40
N SER B 25 19.91 6.00 -14.79
CA SER B 25 18.83 6.71 -15.48
C SER B 25 19.28 7.66 -16.59
N LEU B 26 20.56 7.99 -16.63
CA LEU B 26 21.07 8.90 -17.65
C LEU B 26 21.77 8.21 -18.82
N ARG B 27 22.07 6.92 -18.67
CA ARG B 27 22.73 6.18 -19.74
C ARG B 27 21.87 6.20 -20.99
N PRO B 28 22.50 6.31 -22.17
CA PRO B 28 21.80 6.34 -23.45
C PRO B 28 20.82 5.20 -23.68
N GLU B 29 21.19 3.99 -23.25
CA GLU B 29 20.33 2.82 -23.43
C GLU B 29 19.02 3.01 -22.68
N HIS B 30 19.08 3.76 -21.58
CA HIS B 30 17.89 3.99 -20.77
C HIS B 30 16.73 4.48 -21.61
N ALA B 31 17.03 5.23 -22.67
CA ALA B 31 16.00 5.76 -23.55
C ALA B 31 15.12 4.67 -24.14
N ARG B 32 15.65 3.45 -24.21
CA ARG B 32 14.90 2.31 -24.75
C ARG B 32 13.82 1.81 -23.79
N GLU B 33 13.91 2.25 -22.53
CA GLU B 33 12.94 1.86 -21.52
C GLU B 33 11.64 2.66 -21.55
N ARG B 34 11.56 3.61 -22.48
CA ARG B 34 10.34 4.40 -22.60
C ARG B 34 9.19 3.49 -23.01
N LEU B 35 7.98 3.91 -22.70
CA LEU B 35 6.77 3.14 -22.99
C LEU B 35 6.49 2.89 -24.47
N GLN B 36 6.14 1.64 -24.79
CA GLN B 36 5.79 1.26 -26.15
C GLN B 36 4.29 1.01 -26.10
N ASP B 37 3.51 1.95 -26.62
CA ASP B 37 2.06 1.85 -26.61
C ASP B 37 1.48 1.06 -27.80
N ASP B 38 2.35 0.46 -28.59
CA ASP B 38 1.91 -0.34 -29.75
C ASP B 38 0.88 0.42 -30.58
N SER B 39 1.02 1.74 -30.63
CA SER B 39 0.11 2.59 -31.39
C SER B 39 -1.35 2.43 -30.97
N VAL B 40 -1.55 1.82 -29.80
CA VAL B 40 -2.87 1.63 -29.23
C VAL B 40 -2.93 2.50 -27.98
N GLU B 41 -3.61 3.64 -28.07
CA GLU B 41 -3.72 4.56 -26.96
C GLU B 41 -4.97 4.38 -26.12
N THR B 42 -4.79 4.38 -24.79
CA THR B 42 -5.88 4.26 -23.84
C THR B 42 -5.52 5.22 -22.72
N VAL B 43 -6.46 5.46 -21.82
CA VAL B 43 -6.23 6.36 -20.69
C VAL B 43 -4.94 5.98 -19.98
N THR B 44 -4.73 4.68 -19.80
CA THR B 44 -3.54 4.19 -19.12
C THR B 44 -2.21 4.59 -19.78
N SER B 45 -2.06 4.28 -21.07
CA SER B 45 -0.80 4.60 -21.75
C SER B 45 -0.56 6.12 -21.79
N ILE B 46 -1.63 6.87 -22.04
CA ILE B 46 -1.53 8.32 -22.09
C ILE B 46 -0.99 8.87 -20.77
N GLU B 47 -1.56 8.43 -19.65
CA GLU B 47 -1.11 8.90 -18.34
C GLU B 47 0.32 8.48 -18.05
N GLN B 48 0.67 7.28 -18.49
CA GLN B 48 2.01 6.75 -18.27
C GLN B 48 3.05 7.55 -19.07
N ALA B 49 2.69 7.93 -20.29
CA ALA B 49 3.59 8.69 -21.16
C ALA B 49 3.79 10.09 -20.60
N LYS B 50 2.73 10.68 -20.05
CA LYS B 50 2.83 12.01 -19.46
C LYS B 50 3.89 12.03 -18.37
N VAL B 51 3.83 11.03 -17.48
CA VAL B 51 4.79 10.94 -16.39
C VAL B 51 6.21 10.74 -16.89
N GLU B 52 6.39 9.79 -17.82
CA GLU B 52 7.74 9.53 -18.34
C GLU B 52 8.33 10.76 -18.99
N GLU B 53 7.50 11.54 -19.66
CA GLU B 53 7.97 12.74 -20.32
C GLU B 53 8.52 13.72 -19.27
N LYS B 54 7.78 13.85 -18.18
CA LYS B 54 8.19 14.74 -17.10
C LYS B 54 9.43 14.23 -16.38
N ILE B 55 9.52 12.92 -16.22
CA ILE B 55 10.68 12.32 -15.55
C ILE B 55 11.92 12.43 -16.45
N GLN B 56 11.72 12.31 -17.76
CA GLN B 56 12.82 12.41 -18.71
C GLN B 56 13.42 13.82 -18.62
N GLU B 57 12.57 14.82 -18.51
CA GLU B 57 13.01 16.20 -18.39
C GLU B 57 13.93 16.32 -17.17
N VAL B 58 13.51 15.75 -16.05
CA VAL B 58 14.31 15.81 -14.85
C VAL B 58 15.65 15.15 -15.10
N PHE B 59 15.63 13.90 -15.60
CA PHE B 59 16.86 13.17 -15.87
C PHE B 59 17.83 13.98 -16.73
N SER B 60 17.38 14.39 -17.91
CA SER B 60 18.24 15.14 -18.82
C SER B 60 18.39 16.64 -18.55
N SER B 61 17.99 17.09 -17.37
CA SER B 61 18.10 18.51 -17.03
C SER B 61 19.56 18.93 -16.88
N TYR B 62 20.41 18.00 -16.46
CA TYR B 62 21.84 18.30 -16.27
C TYR B 62 22.51 18.50 -17.63
N LYS B 63 22.16 17.63 -18.56
CA LYS B 63 22.69 17.67 -19.92
C LYS B 63 22.34 19.00 -20.60
N PHE B 64 21.08 19.38 -20.52
CA PHE B 64 20.60 20.61 -21.14
C PHE B 64 21.13 21.88 -20.47
N ASN B 65 21.43 21.79 -19.19
CA ASN B 65 21.97 22.94 -18.46
C ASN B 65 23.50 22.93 -18.51
N HIS B 66 24.05 21.87 -19.10
CA HIS B 66 25.49 21.72 -19.24
C HIS B 66 26.18 21.70 -17.89
N LEU B 67 25.66 20.85 -17.00
CA LEU B 67 26.20 20.70 -15.65
C LEU B 67 26.48 19.23 -15.35
N VAL B 68 27.40 18.99 -14.42
CA VAL B 68 27.73 17.63 -14.01
C VAL B 68 26.69 17.20 -12.97
N PRO B 69 26.06 16.04 -13.18
CA PRO B 69 25.06 15.54 -12.23
C PRO B 69 25.63 15.21 -10.85
N ARG B 70 24.91 15.62 -9.81
CA ARG B 70 25.32 15.33 -8.44
C ARG B 70 24.05 15.11 -7.60
N LEU B 71 23.95 13.92 -7.02
CA LEU B 71 22.79 13.54 -6.23
C LEU B 71 22.99 13.84 -4.75
N VAL B 72 22.30 14.86 -4.28
CA VAL B 72 22.41 15.27 -2.89
C VAL B 72 21.06 15.17 -2.15
N LEU B 73 21.08 14.49 -1.01
CA LEU B 73 19.88 14.39 -0.19
C LEU B 73 19.89 15.68 0.63
N GLN B 74 18.92 16.56 0.38
CA GLN B 74 18.84 17.84 1.07
C GLN B 74 18.50 17.72 2.56
N ARG B 75 19.37 17.05 3.32
CA ARG B 75 19.20 16.85 4.76
C ARG B 75 18.76 18.09 5.54
N GLU B 76 19.54 19.15 5.40
CA GLU B 76 19.25 20.41 6.09
C GLU B 76 17.81 20.83 5.88
N LYS B 77 17.40 20.90 4.62
CA LYS B 77 16.03 21.30 4.29
C LYS B 77 14.96 20.38 4.87
N HIS B 78 15.16 19.06 4.74
CA HIS B 78 14.18 18.09 5.26
C HIS B 78 14.09 18.19 6.79
N PHE B 79 15.22 18.42 7.44
CA PHE B 79 15.26 18.56 8.89
C PHE B 79 14.39 19.73 9.34
N HIS B 80 14.59 20.89 8.72
CA HIS B 80 13.82 22.08 9.07
C HIS B 80 12.33 21.79 8.89
N TYR B 81 11.99 21.20 7.74
CA TYR B 81 10.61 20.87 7.40
C TYR B 81 10.02 19.98 8.50
N LEU B 82 10.75 18.93 8.85
CA LEU B 82 10.31 17.98 9.88
C LEU B 82 10.30 18.58 11.28
N LYS B 83 11.39 19.25 11.65
CA LYS B 83 11.51 19.87 12.97
C LYS B 83 10.32 20.77 13.31
N ARG B 84 9.92 21.59 12.34
CA ARG B 84 8.79 22.50 12.54
C ARG B 84 7.45 21.77 12.55
N GLY B 85 7.24 20.88 11.58
CA GLY B 85 5.99 20.14 11.51
C GLY B 85 5.71 19.32 12.75
N LEU B 86 6.75 18.84 13.42
CA LEU B 86 6.57 18.04 14.62
C LEU B 86 5.89 18.86 15.71
N ARG B 87 5.94 20.18 15.56
CA ARG B 87 5.35 21.05 16.56
C ARG B 87 4.09 21.75 16.07
N GLN B 88 4.11 22.20 14.83
CA GLN B 88 2.97 22.94 14.31
C GLN B 88 2.73 22.69 12.82
N LEU B 89 1.46 22.69 12.44
CA LEU B 89 1.08 22.46 11.05
C LEU B 89 0.05 23.48 10.58
N THR B 90 0.08 23.83 9.30
CA THR B 90 -0.88 24.77 8.74
C THR B 90 -2.24 24.08 8.58
N ASP B 91 -3.27 24.86 8.26
CA ASP B 91 -4.60 24.28 8.10
C ASP B 91 -4.66 23.31 6.92
N ALA B 92 -3.53 23.14 6.22
CA ALA B 92 -3.48 22.23 5.09
C ALA B 92 -3.61 20.79 5.64
N TYR B 93 -3.30 20.63 6.92
CA TYR B 93 -3.38 19.33 7.55
C TYR B 93 -4.68 19.10 8.30
N GLU B 94 -5.69 19.88 7.97
CA GLU B 94 -6.99 19.70 8.61
C GLU B 94 -7.55 18.32 8.22
N CYS B 95 -7.21 17.86 7.02
CA CYS B 95 -7.66 16.56 6.52
C CYS B 95 -7.00 15.40 7.27
N LEU B 96 -6.06 15.72 8.14
CA LEU B 96 -5.37 14.70 8.92
C LEU B 96 -5.60 14.93 10.40
N ASP B 97 -6.65 15.69 10.72
CA ASP B 97 -6.98 15.95 12.11
C ASP B 97 -7.37 14.66 12.86
N ALA B 98 -7.62 13.58 12.13
CA ALA B 98 -7.97 12.33 12.77
C ALA B 98 -6.84 11.32 12.57
N SER B 99 -5.65 11.82 12.24
CA SER B 99 -4.46 11.02 12.00
C SER B 99 -3.25 11.65 12.67
N ARG B 100 -3.43 12.32 13.79
CA ARG B 100 -2.31 12.97 14.42
C ARG B 100 -1.20 12.04 14.92
N PRO B 101 -1.55 10.81 15.36
CA PRO B 101 -0.47 9.93 15.80
C PRO B 101 0.36 9.54 14.58
N TRP B 102 -0.28 9.50 13.42
CA TRP B 102 0.41 9.19 12.17
C TRP B 102 1.44 10.29 11.92
N LEU B 103 1.03 11.54 12.14
CA LEU B 103 1.94 12.68 11.96
C LEU B 103 3.12 12.55 12.91
N CYS B 104 2.84 12.19 14.15
CA CYS B 104 3.93 12.00 15.10
C CYS B 104 4.89 10.96 14.56
N TYR B 105 4.33 9.82 14.12
CA TYR B 105 5.16 8.74 13.62
C TYR B 105 5.92 9.06 12.33
N TRP B 106 5.23 9.58 11.31
CA TRP B 106 5.91 9.89 10.06
C TRP B 106 7.10 10.80 10.28
N ILE B 107 6.89 11.83 11.11
CA ILE B 107 7.92 12.81 11.39
C ILE B 107 9.07 12.25 12.23
N LEU B 108 8.74 11.64 13.38
CA LEU B 108 9.77 11.06 14.24
C LEU B 108 10.62 10.04 13.49
N HIS B 109 10.00 9.19 12.68
CA HIS B 109 10.75 8.19 11.91
C HIS B 109 11.64 8.87 10.86
N SER B 110 11.15 9.93 10.23
CA SER B 110 11.96 10.64 9.24
C SER B 110 13.19 11.21 9.93
N LEU B 111 12.99 11.82 11.09
CA LEU B 111 14.10 12.39 11.86
C LEU B 111 15.09 11.29 12.24
N GLU B 112 14.56 10.13 12.60
CA GLU B 112 15.34 8.96 12.97
C GLU B 112 16.21 8.50 11.80
N LEU B 113 15.60 8.37 10.62
CA LEU B 113 16.31 7.97 9.42
C LEU B 113 17.43 8.95 9.09
N LEU B 114 17.12 10.24 9.23
CA LEU B 114 18.08 11.30 8.96
C LEU B 114 19.09 11.37 10.09
N ASP B 115 18.90 10.52 11.10
CA ASP B 115 19.79 10.46 12.25
C ASP B 115 19.87 11.77 13.02
N GLU B 116 18.72 12.36 13.33
CA GLU B 116 18.61 13.60 14.08
C GLU B 116 18.11 13.25 15.48
N PRO B 117 18.77 13.77 16.52
CA PRO B 117 18.36 13.48 17.90
C PRO B 117 16.98 14.01 18.25
N ILE B 118 16.30 13.32 19.16
CA ILE B 118 14.97 13.71 19.62
C ILE B 118 15.11 14.29 21.01
N PRO B 119 15.12 15.63 21.13
CA PRO B 119 15.24 16.29 22.44
C PRO B 119 14.23 15.73 23.43
N GLN B 120 14.64 15.54 24.68
CA GLN B 120 13.74 15.01 25.69
C GLN B 120 12.54 15.93 25.92
N ILE B 121 12.68 17.21 25.57
CA ILE B 121 11.57 18.16 25.70
C ILE B 121 10.49 17.67 24.73
N VAL B 122 10.91 17.32 23.52
CA VAL B 122 10.02 16.84 22.49
C VAL B 122 9.46 15.47 22.90
N ALA B 123 10.37 14.52 23.11
CA ALA B 123 9.99 13.17 23.50
C ALA B 123 8.89 13.13 24.57
N THR B 124 9.07 13.94 25.61
CA THR B 124 8.10 13.98 26.70
C THR B 124 6.78 14.63 26.28
N ASP B 125 6.86 15.62 25.40
CA ASP B 125 5.63 16.28 24.94
C ASP B 125 4.87 15.36 23.99
N VAL B 126 5.59 14.50 23.27
CA VAL B 126 4.96 13.56 22.36
C VAL B 126 4.24 12.53 23.21
N CYS B 127 4.95 12.00 24.20
CA CYS B 127 4.40 11.00 25.11
C CYS B 127 3.08 11.48 25.71
N GLN B 128 3.08 12.70 26.24
CA GLN B 128 1.88 13.26 26.85
C GLN B 128 0.75 13.42 25.85
N PHE B 129 1.09 13.81 24.63
CA PHE B 129 0.06 13.97 23.62
C PHE B 129 -0.57 12.62 23.27
N LEU B 130 0.26 11.61 23.01
CA LEU B 130 -0.26 10.29 22.68
C LEU B 130 -1.05 9.74 23.86
N GLU B 131 -0.67 10.13 25.07
CA GLU B 131 -1.40 9.69 26.26
C GLU B 131 -2.83 10.20 26.15
N LEU B 132 -2.97 11.44 25.71
CA LEU B 132 -4.28 12.06 25.54
C LEU B 132 -5.08 11.40 24.42
N CYS B 133 -4.39 10.81 23.46
CA CYS B 133 -5.05 10.14 22.34
C CYS B 133 -5.48 8.73 22.71
N GLN B 134 -4.92 8.20 23.79
CA GLN B 134 -5.26 6.84 24.21
C GLN B 134 -6.66 6.76 24.76
N SER B 135 -7.40 5.73 24.36
CA SER B 135 -8.76 5.52 24.81
C SER B 135 -8.82 4.81 26.16
N PRO B 136 -9.86 5.10 26.96
CA PRO B 136 -10.00 4.46 28.27
C PRO B 136 -10.20 2.96 28.08
N ASP B 137 -10.71 2.60 26.91
CA ASP B 137 -10.98 1.20 26.58
C ASP B 137 -9.83 0.51 25.85
N GLY B 138 -8.74 1.24 25.62
CA GLY B 138 -7.60 0.65 24.94
C GLY B 138 -7.43 1.15 23.51
N GLY B 139 -6.19 1.19 23.04
CA GLY B 139 -5.93 1.66 21.69
C GLY B 139 -5.83 3.18 21.66
N PHE B 140 -5.35 3.71 20.54
CA PHE B 140 -5.22 5.14 20.39
C PHE B 140 -6.15 5.67 19.30
N GLY B 141 -6.63 6.90 19.49
CA GLY B 141 -7.51 7.52 18.53
C GLY B 141 -6.70 8.44 17.63
N GLY B 142 -7.35 9.06 16.65
CA GLY B 142 -6.65 9.95 15.75
C GLY B 142 -6.36 11.30 16.36
N GLY B 143 -6.87 11.50 17.57
CA GLY B 143 -6.67 12.75 18.30
C GLY B 143 -7.35 12.69 19.66
N PRO B 144 -7.10 13.68 20.55
CA PRO B 144 -7.73 13.66 21.87
C PRO B 144 -9.25 13.61 21.79
N GLY B 145 -9.85 12.67 22.51
CA GLY B 145 -11.29 12.55 22.48
C GLY B 145 -11.84 11.77 21.31
N GLN B 146 -10.97 11.27 20.44
CA GLN B 146 -11.44 10.49 19.31
C GLN B 146 -11.45 9.01 19.68
N TYR B 147 -12.38 8.26 19.10
CA TYR B 147 -12.46 6.84 19.38
C TYR B 147 -11.18 6.14 18.90
N PRO B 148 -10.83 5.02 19.54
CA PRO B 148 -9.64 4.26 19.17
C PRO B 148 -9.80 3.65 17.78
N HIS B 149 -8.69 3.53 17.05
CA HIS B 149 -8.69 3.01 15.68
C HIS B 149 -7.31 2.35 15.47
N LEU B 150 -7.28 1.17 14.84
CA LEU B 150 -6.01 0.46 14.63
C LEU B 150 -4.90 1.19 13.85
N ALA B 151 -5.25 2.13 12.98
CA ALA B 151 -4.21 2.82 12.23
C ALA B 151 -3.47 3.78 13.19
N PRO B 152 -4.21 4.67 13.88
CA PRO B 152 -3.48 5.56 14.80
C PRO B 152 -2.87 4.79 16.00
N THR B 153 -3.42 3.62 16.30
CA THR B 153 -2.88 2.79 17.40
C THR B 153 -1.50 2.30 16.96
N TYR B 154 -1.41 1.86 15.71
CA TYR B 154 -0.16 1.37 15.13
C TYR B 154 0.88 2.48 15.09
N ALA B 155 0.44 3.66 14.63
CA ALA B 155 1.33 4.81 14.54
C ALA B 155 1.81 5.23 15.91
N ALA B 156 0.88 5.33 16.86
CA ALA B 156 1.23 5.72 18.22
C ALA B 156 2.28 4.79 18.83
N VAL B 157 2.04 3.48 18.77
CA VAL B 157 3.00 2.53 19.33
C VAL B 157 4.36 2.69 18.65
N ASN B 158 4.38 2.82 17.33
CA ASN B 158 5.64 3.00 16.62
C ASN B 158 6.38 4.27 17.06
N ALA B 159 5.63 5.34 17.26
CA ALA B 159 6.22 6.60 17.67
C ALA B 159 6.86 6.45 19.07
N LEU B 160 6.09 5.90 20.01
CA LEU B 160 6.59 5.69 21.37
C LEU B 160 7.84 4.81 21.38
N CYS B 161 7.89 3.82 20.49
CA CYS B 161 9.05 2.92 20.43
C CYS B 161 10.27 3.61 19.84
N ILE B 162 10.05 4.53 18.90
CA ILE B 162 11.16 5.25 18.30
C ILE B 162 11.77 6.10 19.41
N ILE B 163 10.94 6.64 20.29
CA ILE B 163 11.43 7.45 21.41
C ILE B 163 12.17 6.52 22.37
N GLY B 164 11.62 5.32 22.56
CA GLY B 164 12.24 4.30 23.38
C GLY B 164 12.63 4.56 24.84
N THR B 165 12.00 5.53 25.49
CA THR B 165 12.31 5.81 26.88
C THR B 165 11.33 5.04 27.76
N GLU B 166 11.69 4.86 29.03
CA GLU B 166 10.83 4.16 29.97
C GLU B 166 9.48 4.87 29.99
N GLU B 167 9.53 6.20 29.94
CA GLU B 167 8.30 7.00 29.93
C GLU B 167 7.43 6.69 28.71
N ALA B 168 8.04 6.65 27.53
CA ALA B 168 7.29 6.36 26.31
C ALA B 168 6.63 4.98 26.40
N TYR B 169 7.40 3.99 26.85
CA TYR B 169 6.89 2.63 26.98
C TYR B 169 5.72 2.56 27.96
N ASN B 170 5.84 3.26 29.09
CA ASN B 170 4.80 3.24 30.10
C ASN B 170 3.48 3.91 29.73
N VAL B 171 3.48 4.63 28.61
CA VAL B 171 2.26 5.30 28.15
C VAL B 171 1.23 4.27 27.70
N ILE B 172 1.72 3.22 27.06
CA ILE B 172 0.87 2.16 26.54
C ILE B 172 0.21 1.27 27.59
N ASN B 173 -1.13 1.32 27.64
CA ASN B 173 -1.89 0.50 28.56
C ASN B 173 -2.03 -0.86 27.88
N ARG B 174 -1.18 -1.80 28.26
CA ARG B 174 -1.17 -3.14 27.65
C ARG B 174 -2.42 -4.00 27.89
N GLU B 175 -3.00 -3.91 29.08
CA GLU B 175 -4.20 -4.71 29.37
C GLU B 175 -5.34 -4.28 28.46
N LYS B 176 -5.60 -2.97 28.42
CA LYS B 176 -6.66 -2.42 27.60
C LYS B 176 -6.38 -2.60 26.12
N LEU B 177 -5.12 -2.45 25.72
CA LEU B 177 -4.76 -2.61 24.32
C LEU B 177 -5.21 -3.98 23.84
N LEU B 178 -4.88 -5.02 24.61
CA LEU B 178 -5.25 -6.39 24.27
C LEU B 178 -6.78 -6.50 24.21
N GLN B 179 -7.45 -5.99 25.23
CA GLN B 179 -8.91 -6.03 25.27
C GLN B 179 -9.47 -5.39 23.99
N TYR B 180 -8.90 -4.26 23.60
CA TYR B 180 -9.34 -3.57 22.40
C TYR B 180 -9.16 -4.44 21.15
N LEU B 181 -7.99 -5.07 21.00
CA LEU B 181 -7.74 -5.93 19.84
C LEU B 181 -8.79 -7.05 19.77
N TYR B 182 -9.11 -7.64 20.91
CA TYR B 182 -10.11 -8.70 20.94
C TYR B 182 -11.48 -8.20 20.51
N SER B 183 -11.81 -6.98 20.91
CA SER B 183 -13.12 -6.42 20.56
C SER B 183 -13.29 -6.22 19.06
N LEU B 184 -12.17 -6.26 18.32
CA LEU B 184 -12.20 -6.06 16.86
C LEU B 184 -12.07 -7.36 16.06
N LYS B 185 -11.56 -8.40 16.70
CA LYS B 185 -11.37 -9.72 16.07
C LYS B 185 -12.66 -10.34 15.54
N GLN B 186 -12.62 -10.81 14.30
CA GLN B 186 -13.78 -11.45 13.67
C GLN B 186 -13.63 -12.96 13.62
N PRO B 187 -14.74 -13.69 13.45
CA PRO B 187 -14.69 -15.15 13.38
C PRO B 187 -13.87 -15.68 12.22
N ASP B 188 -13.85 -14.96 11.10
CA ASP B 188 -13.09 -15.43 9.94
C ASP B 188 -11.59 -15.18 10.00
N GLY B 189 -11.12 -14.68 11.15
CA GLY B 189 -9.70 -14.42 11.30
C GLY B 189 -9.27 -12.96 11.12
N SER B 190 -10.13 -12.16 10.49
CA SER B 190 -9.81 -10.75 10.25
C SER B 190 -10.13 -9.86 11.45
N PHE B 191 -9.76 -8.58 11.35
CA PHE B 191 -10.01 -7.59 12.39
C PHE B 191 -10.69 -6.36 11.78
N LEU B 192 -11.52 -5.70 12.57
CA LEU B 192 -12.15 -4.47 12.09
C LEU B 192 -11.06 -3.42 12.32
N MET B 193 -11.13 -2.28 11.63
CA MET B 193 -10.11 -1.24 11.83
C MET B 193 -10.44 -0.49 13.12
N HIS B 194 -11.74 -0.48 13.46
CA HIS B 194 -12.23 0.19 14.67
C HIS B 194 -13.68 -0.27 14.86
N VAL B 195 -14.28 0.03 16.00
CA VAL B 195 -15.66 -0.37 16.28
C VAL B 195 -16.63 0.12 15.21
N GLY B 196 -17.43 -0.81 14.67
CA GLY B 196 -18.37 -0.47 13.63
C GLY B 196 -17.68 0.01 12.36
N GLY B 197 -16.40 -0.33 12.22
CA GLY B 197 -15.63 0.09 11.05
C GLY B 197 -15.39 -0.97 9.98
N GLU B 198 -14.58 -0.62 8.98
CA GLU B 198 -14.28 -1.51 7.86
C GLU B 198 -13.20 -2.57 8.14
N VAL B 199 -13.18 -3.60 7.31
CA VAL B 199 -12.20 -4.68 7.43
C VAL B 199 -11.36 -4.81 6.16
N ASP B 200 -10.05 -4.89 6.33
CA ASP B 200 -9.11 -5.11 5.23
C ASP B 200 -7.79 -5.52 5.87
N VAL B 201 -6.86 -5.99 5.06
CA VAL B 201 -5.59 -6.49 5.58
C VAL B 201 -4.76 -5.52 6.43
N ARG B 202 -5.01 -4.21 6.33
CA ARG B 202 -4.27 -3.25 7.15
C ARG B 202 -4.42 -3.59 8.63
N SER B 203 -5.64 -3.96 9.03
CA SER B 203 -5.90 -4.23 10.45
C SER B 203 -5.10 -5.40 11.00
N ALA B 204 -4.94 -6.45 10.20
CA ALA B 204 -4.20 -7.63 10.62
C ALA B 204 -2.78 -7.18 10.94
N TYR B 205 -2.19 -6.39 10.04
CA TYR B 205 -0.84 -5.88 10.24
C TYR B 205 -0.73 -4.93 11.44
N CYS B 206 -1.68 -3.98 11.56
CA CYS B 206 -1.63 -3.03 12.68
C CYS B 206 -1.72 -3.79 14.00
N ALA B 207 -2.61 -4.78 14.07
CA ALA B 207 -2.77 -5.57 15.28
C ALA B 207 -1.51 -6.39 15.62
N ALA B 208 -0.99 -7.11 14.63
CA ALA B 208 0.20 -7.91 14.83
C ALA B 208 1.39 -7.06 15.24
N SER B 209 1.53 -5.89 14.61
CA SER B 209 2.63 -4.98 14.91
C SER B 209 2.63 -4.51 16.36
N VAL B 210 1.51 -3.94 16.82
CA VAL B 210 1.46 -3.46 18.19
C VAL B 210 1.42 -4.57 19.24
N ALA B 211 0.82 -5.70 18.91
CA ALA B 211 0.73 -6.81 19.84
C ALA B 211 2.09 -7.47 20.07
N SER B 212 2.85 -7.66 19.00
CA SER B 212 4.16 -8.28 19.13
C SER B 212 5.16 -7.39 19.84
N LEU B 213 5.12 -6.08 19.57
CA LEU B 213 6.05 -5.17 20.21
C LEU B 213 5.80 -5.05 21.72
N THR B 214 4.55 -4.93 22.12
CA THR B 214 4.21 -4.79 23.52
C THR B 214 4.01 -6.12 24.24
N ASN B 215 4.34 -7.21 23.56
CA ASN B 215 4.20 -8.54 24.15
C ASN B 215 2.83 -8.81 24.80
N ILE B 216 1.77 -8.82 23.99
CA ILE B 216 0.43 -9.08 24.51
C ILE B 216 -0.23 -10.17 23.68
N ILE B 217 0.53 -10.80 22.80
CA ILE B 217 0.00 -11.85 21.95
C ILE B 217 -0.34 -13.09 22.76
N THR B 218 -1.62 -13.45 22.76
CA THR B 218 -2.08 -14.63 23.46
C THR B 218 -2.15 -15.78 22.46
N PRO B 219 -2.36 -17.02 22.93
CA PRO B 219 -2.46 -18.19 22.07
C PRO B 219 -3.52 -18.17 20.97
N ASP B 220 -4.63 -17.47 21.23
CA ASP B 220 -5.74 -17.42 20.27
C ASP B 220 -6.01 -16.07 19.59
N LEU B 221 -5.30 -15.01 20.01
CA LEU B 221 -5.53 -13.69 19.43
C LEU B 221 -5.56 -13.70 17.90
N PHE B 222 -4.57 -14.36 17.30
CA PHE B 222 -4.49 -14.40 15.85
C PHE B 222 -4.92 -15.69 15.18
N GLU B 223 -5.86 -16.42 15.77
CA GLU B 223 -6.32 -17.67 15.19
C GLU B 223 -7.08 -17.37 13.91
N GLY B 224 -6.70 -18.04 12.83
CA GLY B 224 -7.36 -17.84 11.55
C GLY B 224 -6.89 -16.62 10.78
N THR B 225 -6.10 -15.77 11.44
CA THR B 225 -5.59 -14.56 10.81
C THR B 225 -4.67 -14.84 9.63
N ALA B 226 -3.75 -15.79 9.81
CA ALA B 226 -2.82 -16.13 8.75
C ALA B 226 -3.58 -16.64 7.53
N GLU B 227 -4.61 -17.43 7.79
CA GLU B 227 -5.42 -17.99 6.71
C GLU B 227 -6.18 -16.91 5.97
N TRP B 228 -6.79 -15.99 6.73
CA TRP B 228 -7.52 -14.90 6.13
C TRP B 228 -6.60 -14.09 5.23
N ILE B 229 -5.43 -13.71 5.77
CA ILE B 229 -4.47 -12.95 4.99
C ILE B 229 -4.13 -13.69 3.69
N ALA B 230 -3.87 -14.99 3.82
CA ALA B 230 -3.52 -15.82 2.65
C ALA B 230 -4.62 -15.79 1.59
N ARG B 231 -5.88 -15.66 2.01
CA ARG B 231 -6.98 -15.59 1.05
C ARG B 231 -6.95 -14.30 0.23
N CYS B 232 -6.23 -13.27 0.72
CA CYS B 232 -6.14 -11.99 0.01
C CYS B 232 -5.13 -12.04 -1.14
N GLN B 233 -4.26 -13.05 -1.16
CA GLN B 233 -3.31 -13.16 -2.27
C GLN B 233 -4.17 -13.59 -3.47
N ASN B 234 -3.99 -12.94 -4.61
CA ASN B 234 -4.81 -13.26 -5.77
C ASN B 234 -4.01 -13.83 -6.95
N TRP B 235 -4.68 -13.96 -8.09
CA TRP B 235 -4.07 -14.48 -9.31
C TRP B 235 -2.82 -13.74 -9.76
N GLU B 236 -2.66 -12.51 -9.27
CA GLU B 236 -1.51 -11.68 -9.65
C GLU B 236 -0.23 -12.02 -8.90
N GLY B 237 -0.37 -12.68 -7.76
CA GLY B 237 0.81 -13.02 -6.97
C GLY B 237 0.87 -12.07 -5.78
N GLY B 238 0.32 -10.88 -5.97
CA GLY B 238 0.31 -9.90 -4.90
C GLY B 238 -0.88 -10.11 -3.97
N ILE B 239 -1.05 -9.19 -3.02
CA ILE B 239 -2.14 -9.28 -2.06
C ILE B 239 -3.07 -8.06 -2.16
N GLY B 240 -4.38 -8.33 -2.06
CA GLY B 240 -5.38 -7.27 -2.12
C GLY B 240 -5.93 -6.93 -0.74
N GLY B 241 -6.69 -5.83 -0.65
CA GLY B 241 -7.25 -5.42 0.63
C GLY B 241 -8.08 -6.49 1.33
N VAL B 242 -8.94 -7.15 0.56
CA VAL B 242 -9.79 -8.23 1.05
C VAL B 242 -9.78 -9.30 -0.05
N PRO B 243 -10.21 -10.53 0.29
CA PRO B 243 -10.22 -11.60 -0.71
C PRO B 243 -10.95 -11.15 -1.97
N GLY B 244 -10.34 -11.39 -3.13
CA GLY B 244 -10.95 -11.01 -4.39
C GLY B 244 -10.48 -9.71 -5.04
N MET B 245 -9.86 -8.84 -4.26
CA MET B 245 -9.40 -7.55 -4.80
C MET B 245 -8.02 -7.51 -5.45
N GLU B 246 -7.86 -6.59 -6.40
CA GLU B 246 -6.61 -6.38 -7.12
C GLU B 246 -5.43 -6.29 -6.17
N ALA B 247 -4.27 -6.77 -6.61
CA ALA B 247 -3.06 -6.75 -5.79
C ALA B 247 -2.54 -5.33 -5.67
N HIS B 248 -2.12 -4.95 -4.47
CA HIS B 248 -1.63 -3.61 -4.22
C HIS B 248 -0.49 -3.61 -3.23
N GLY B 249 0.56 -2.85 -3.55
CA GLY B 249 1.72 -2.77 -2.69
C GLY B 249 1.45 -2.42 -1.23
N GLY B 250 0.47 -1.56 -0.98
CA GLY B 250 0.18 -1.19 0.39
C GLY B 250 -0.34 -2.35 1.21
N TYR B 251 -1.31 -3.06 0.64
CA TYR B 251 -1.91 -4.20 1.31
C TYR B 251 -0.97 -5.41 1.31
N THR B 252 -0.16 -5.54 0.26
CA THR B 252 0.77 -6.64 0.17
C THR B 252 1.82 -6.49 1.27
N PHE B 253 2.28 -5.27 1.50
CA PHE B 253 3.26 -5.08 2.56
C PHE B 253 2.60 -5.49 3.88
N CYS B 254 1.39 -5.01 4.14
CA CYS B 254 0.67 -5.35 5.36
C CYS B 254 0.51 -6.86 5.53
N GLY B 255 0.07 -7.52 4.46
CA GLY B 255 -0.14 -8.96 4.50
C GLY B 255 1.13 -9.74 4.81
N LEU B 256 2.17 -9.52 4.03
CA LEU B 256 3.42 -10.23 4.24
C LEU B 256 4.06 -9.90 5.58
N ALA B 257 4.13 -8.62 5.93
CA ALA B 257 4.72 -8.22 7.21
C ALA B 257 3.99 -8.86 8.39
N ALA B 258 2.67 -8.93 8.32
CA ALA B 258 1.89 -9.52 9.39
C ALA B 258 2.20 -11.01 9.48
N LEU B 259 2.25 -11.68 8.32
CA LEU B 259 2.54 -13.11 8.29
C LEU B 259 3.94 -13.36 8.84
N VAL B 260 4.86 -12.44 8.59
CA VAL B 260 6.22 -12.60 9.10
C VAL B 260 6.20 -12.51 10.62
N ILE B 261 5.40 -11.60 11.17
CA ILE B 261 5.31 -11.46 12.61
C ILE B 261 4.72 -12.73 13.22
N LEU B 262 3.73 -13.30 12.54
CA LEU B 262 3.07 -14.52 12.98
C LEU B 262 3.86 -15.77 12.57
N LYS B 263 4.94 -15.57 11.82
CA LYS B 263 5.77 -16.68 11.36
C LYS B 263 4.98 -17.65 10.48
N LYS B 264 4.19 -17.10 9.56
CA LYS B 264 3.38 -17.91 8.66
C LYS B 264 3.55 -17.48 7.21
N GLU B 265 4.69 -16.86 6.89
CA GLU B 265 4.93 -16.40 5.52
C GLU B 265 4.72 -17.53 4.54
N ARG B 266 4.97 -18.75 4.98
CA ARG B 266 4.83 -19.91 4.12
C ARG B 266 3.39 -20.18 3.68
N SER B 267 2.43 -19.55 4.33
CA SER B 267 1.03 -19.74 3.98
C SER B 267 0.78 -19.15 2.58
N LEU B 268 1.68 -18.29 2.15
CA LEU B 268 1.54 -17.65 0.84
C LEU B 268 2.37 -18.35 -0.23
N ASN B 269 2.06 -18.04 -1.48
CA ASN B 269 2.82 -18.56 -2.60
C ASN B 269 3.90 -17.48 -2.76
N LEU B 270 4.99 -17.62 -2.02
CA LEU B 270 6.06 -16.65 -2.06
C LEU B 270 6.65 -16.41 -3.46
N LYS B 271 6.63 -17.44 -4.30
CA LYS B 271 7.15 -17.35 -5.67
C LYS B 271 6.36 -16.37 -6.52
N SER B 272 5.04 -16.51 -6.57
CA SER B 272 4.22 -15.63 -7.36
C SER B 272 4.28 -14.21 -6.79
N LEU B 273 4.45 -14.11 -5.47
CA LEU B 273 4.55 -12.82 -4.81
C LEU B 273 5.82 -12.10 -5.25
N LEU B 274 6.95 -12.81 -5.18
CA LEU B 274 8.22 -12.26 -5.58
C LEU B 274 8.18 -11.77 -7.02
N GLN B 275 7.57 -12.54 -7.90
CA GLN B 275 7.50 -12.16 -9.30
C GLN B 275 6.62 -10.92 -9.50
N TRP B 276 5.56 -10.81 -8.69
CA TRP B 276 4.66 -9.67 -8.79
C TRP B 276 5.31 -8.36 -8.33
N VAL B 277 5.91 -8.37 -7.15
CA VAL B 277 6.53 -7.14 -6.64
C VAL B 277 7.71 -6.65 -7.50
N THR B 278 8.57 -7.55 -7.94
CA THR B 278 9.72 -7.16 -8.76
C THR B 278 9.22 -6.54 -10.07
N SER B 279 8.05 -6.96 -10.51
CA SER B 279 7.46 -6.42 -11.74
C SER B 279 6.85 -5.03 -11.50
N ARG B 280 6.78 -4.63 -10.23
CA ARG B 280 6.19 -3.33 -9.90
C ARG B 280 7.18 -2.16 -10.04
N GLN B 281 8.45 -2.46 -10.20
CA GLN B 281 9.44 -1.41 -10.37
C GLN B 281 9.36 -0.95 -11.83
N MET B 282 9.28 0.35 -12.05
CA MET B 282 9.15 0.89 -13.40
C MET B 282 10.51 0.91 -14.12
N ARG B 283 10.56 0.29 -15.29
CA ARG B 283 11.80 0.21 -16.08
C ARG B 283 12.37 1.58 -16.41
N PHE B 284 11.51 2.55 -16.70
CA PHE B 284 12.01 3.88 -17.03
C PHE B 284 12.25 4.76 -15.80
N GLU B 285 11.19 5.05 -15.05
CA GLU B 285 11.28 5.91 -13.85
C GLU B 285 12.23 5.41 -12.76
N GLY B 286 12.26 4.09 -12.52
CA GLY B 286 13.14 3.56 -11.50
C GLY B 286 12.44 3.35 -10.16
N GLY B 287 11.33 4.05 -9.94
CA GLY B 287 10.58 3.90 -8.72
C GLY B 287 9.58 2.77 -8.86
N PHE B 288 8.67 2.64 -7.89
CA PHE B 288 7.67 1.58 -7.97
C PHE B 288 6.26 2.13 -8.13
N GLN B 289 5.38 1.32 -8.71
CA GLN B 289 3.97 1.65 -8.89
C GLN B 289 3.28 0.83 -7.79
N GLY B 290 2.03 1.17 -7.45
CA GLY B 290 1.31 0.45 -6.41
C GLY B 290 0.60 -0.79 -6.91
N ARG B 291 0.28 -0.78 -8.19
CA ARG B 291 -0.38 -1.90 -8.83
C ARG B 291 -0.07 -1.86 -10.32
N CYS B 292 -0.25 -2.99 -10.99
CA CYS B 292 0.03 -3.11 -12.41
C CYS B 292 -0.74 -2.10 -13.25
N ASN B 293 -0.03 -1.47 -14.16
CA ASN B 293 -0.56 -0.45 -15.06
C ASN B 293 -1.00 0.88 -14.45
N LYS B 294 -0.46 1.23 -13.27
CA LYS B 294 -0.77 2.52 -12.67
C LYS B 294 0.53 3.33 -12.61
N LEU B 295 0.52 4.50 -11.98
CA LEU B 295 1.71 5.33 -11.97
C LEU B 295 2.70 5.14 -10.83
N VAL B 296 3.95 5.45 -11.13
CA VAL B 296 5.02 5.38 -10.16
C VAL B 296 4.67 6.37 -9.04
N ASP B 297 5.18 6.12 -7.84
CA ASP B 297 4.91 6.98 -6.70
C ASP B 297 5.94 6.69 -5.62
N GLY B 298 6.58 7.75 -5.15
CA GLY B 298 7.61 7.64 -4.14
C GLY B 298 7.31 6.86 -2.87
N CYS B 299 6.07 6.88 -2.38
CA CYS B 299 5.80 6.15 -1.13
C CYS B 299 5.93 4.63 -1.31
N TYR B 300 5.77 4.15 -2.53
CA TYR B 300 5.88 2.72 -2.80
C TYR B 300 7.34 2.31 -2.74
N SER B 301 8.23 3.30 -2.62
CA SER B 301 9.64 3.02 -2.50
C SER B 301 9.78 2.16 -1.25
N PHE B 302 8.82 2.30 -0.35
CA PHE B 302 8.85 1.49 0.86
C PHE B 302 7.85 0.34 0.82
N TRP B 303 6.56 0.64 0.59
CA TRP B 303 5.55 -0.42 0.57
C TRP B 303 5.91 -1.56 -0.39
N GLN B 304 6.46 -1.25 -1.56
CA GLN B 304 6.83 -2.29 -2.52
C GLN B 304 8.25 -2.84 -2.28
N ALA B 305 9.26 -1.98 -2.39
CA ALA B 305 10.63 -2.41 -2.19
C ALA B 305 10.88 -3.02 -0.80
N GLY B 306 10.10 -2.58 0.19
CA GLY B 306 10.24 -3.11 1.54
C GLY B 306 9.88 -4.58 1.61
N LEU B 307 9.19 -5.07 0.59
CA LEU B 307 8.81 -6.47 0.55
C LEU B 307 10.03 -7.36 0.30
N LEU B 308 10.96 -6.87 -0.51
CA LEU B 308 12.14 -7.67 -0.84
C LEU B 308 12.97 -8.12 0.34
N PRO B 309 13.19 -7.24 1.34
CA PRO B 309 13.97 -7.69 2.48
C PRO B 309 13.18 -8.79 3.22
N LEU B 310 11.85 -8.69 3.18
CA LEU B 310 10.99 -9.67 3.83
C LEU B 310 11.00 -11.01 3.10
N LEU B 311 11.00 -10.97 1.76
CA LEU B 311 11.04 -12.19 0.96
C LEU B 311 12.41 -12.84 1.08
N HIS B 312 13.45 -12.02 1.20
CA HIS B 312 14.80 -12.55 1.34
C HIS B 312 14.90 -13.35 2.62
N ARG B 313 14.39 -12.80 3.72
CA ARG B 313 14.42 -13.46 5.01
C ARG B 313 13.54 -14.70 5.03
N ALA B 314 12.46 -14.68 4.25
CA ALA B 314 11.55 -15.83 4.20
C ALA B 314 12.13 -16.97 3.38
N LEU B 315 12.70 -16.65 2.24
CA LEU B 315 13.29 -17.67 1.38
C LEU B 315 14.56 -18.25 1.98
N HIS B 316 15.35 -17.41 2.63
CA HIS B 316 16.58 -17.84 3.27
C HIS B 316 16.22 -18.72 4.46
N ALA B 317 15.04 -18.49 5.03
CA ALA B 317 14.58 -19.28 6.17
C ALA B 317 14.18 -20.65 5.63
N GLN B 318 13.98 -20.71 4.32
CA GLN B 318 13.62 -21.95 3.66
C GLN B 318 14.86 -22.57 3.04
N GLY B 319 16.02 -21.99 3.33
CA GLY B 319 17.27 -22.49 2.80
C GLY B 319 17.51 -22.23 1.32
N ASP B 320 16.83 -21.23 0.76
CA ASP B 320 17.01 -20.92 -0.65
C ASP B 320 18.49 -20.60 -0.90
N PRO B 321 19.18 -21.46 -1.67
CA PRO B 321 20.60 -21.28 -1.97
C PRO B 321 20.94 -20.23 -3.03
N ALA B 322 20.01 -19.92 -3.92
CA ALA B 322 20.27 -18.95 -4.98
C ALA B 322 20.19 -17.48 -4.54
N LEU B 323 19.93 -17.25 -3.25
CA LEU B 323 19.82 -15.89 -2.73
C LEU B 323 21.10 -15.06 -2.67
N SER B 324 21.16 -13.99 -3.45
CA SER B 324 22.32 -13.09 -3.46
C SER B 324 22.68 -12.74 -2.03
N MET B 325 23.97 -12.46 -1.78
CA MET B 325 24.40 -12.10 -0.45
C MET B 325 24.90 -10.66 -0.35
N SER B 326 24.54 -9.85 -1.35
CA SER B 326 24.94 -8.46 -1.36
C SER B 326 23.82 -7.48 -1.71
N HIS B 327 22.86 -7.91 -2.52
CA HIS B 327 21.74 -7.05 -2.92
C HIS B 327 20.35 -7.65 -2.73
N TRP B 328 19.33 -6.79 -2.76
CA TRP B 328 17.94 -7.21 -2.65
C TRP B 328 17.51 -7.49 -4.08
N MET B 329 16.40 -8.20 -4.27
CA MET B 329 15.98 -8.49 -5.63
C MET B 329 15.23 -7.39 -6.37
N PHE B 330 15.78 -6.17 -6.32
CA PHE B 330 15.22 -5.02 -7.03
C PHE B 330 16.38 -4.09 -7.37
N HIS B 331 16.21 -3.27 -8.40
CA HIS B 331 17.28 -2.36 -8.79
C HIS B 331 17.47 -1.26 -7.74
N GLN B 332 18.34 -1.52 -6.77
CA GLN B 332 18.61 -0.56 -5.69
C GLN B 332 19.07 0.80 -6.19
N GLN B 333 19.99 0.79 -7.14
CA GLN B 333 20.51 2.03 -7.70
C GLN B 333 19.41 2.86 -8.35
N ALA B 334 18.60 2.24 -9.20
CA ALA B 334 17.52 2.96 -9.89
C ALA B 334 16.51 3.59 -8.93
N LEU B 335 16.16 2.88 -7.86
CA LEU B 335 15.24 3.43 -6.89
C LEU B 335 15.83 4.68 -6.24
N GLN B 336 17.08 4.59 -5.81
CA GLN B 336 17.74 5.73 -5.19
C GLN B 336 17.80 6.93 -6.15
N GLU B 337 18.04 6.64 -7.42
CA GLU B 337 18.09 7.69 -8.43
C GLU B 337 16.75 8.37 -8.56
N TYR B 338 15.68 7.58 -8.58
CA TYR B 338 14.33 8.13 -8.70
C TYR B 338 13.99 9.06 -7.53
N ILE B 339 14.22 8.57 -6.31
CA ILE B 339 13.93 9.34 -5.11
C ILE B 339 14.73 10.64 -5.05
N LEU B 340 16.05 10.52 -5.17
CA LEU B 340 16.94 11.67 -5.10
C LEU B 340 16.74 12.72 -6.19
N MET B 341 16.54 12.28 -7.43
CA MET B 341 16.36 13.21 -8.52
C MET B 341 14.93 13.69 -8.76
N CYS B 342 13.95 12.87 -8.41
CA CYS B 342 12.56 13.21 -8.67
C CYS B 342 11.61 13.42 -7.48
N CYS B 343 12.01 12.99 -6.30
CA CYS B 343 11.10 13.10 -5.16
C CYS B 343 11.41 14.09 -4.05
N GLN B 344 12.42 14.93 -4.23
CA GLN B 344 12.73 15.91 -3.20
C GLN B 344 12.16 17.29 -3.52
N CYS B 345 11.58 17.94 -2.53
CA CYS B 345 11.06 19.29 -2.71
C CYS B 345 12.26 20.16 -2.35
N PRO B 346 12.56 21.20 -3.15
CA PRO B 346 13.70 22.08 -2.87
C PRO B 346 13.63 22.75 -1.48
N ALA B 347 12.42 23.04 -1.03
CA ALA B 347 12.22 23.68 0.27
C ALA B 347 12.24 22.67 1.43
N GLY B 348 12.47 21.39 1.11
CA GLY B 348 12.48 20.38 2.15
C GLY B 348 11.25 19.49 2.06
N GLY B 349 11.41 18.25 2.50
CA GLY B 349 10.31 17.30 2.43
C GLY B 349 10.36 16.55 1.12
N LEU B 350 9.73 15.38 1.05
CA LEU B 350 9.72 14.60 -0.19
C LEU B 350 8.31 14.38 -0.71
N LEU B 351 8.22 13.81 -1.91
CA LEU B 351 6.92 13.63 -2.50
C LEU B 351 6.69 12.42 -3.40
N ASP B 352 5.46 12.33 -3.89
CA ASP B 352 4.97 11.27 -4.77
C ASP B 352 5.79 11.26 -6.06
N LYS B 353 5.61 12.27 -6.88
CA LYS B 353 6.33 12.39 -8.14
C LYS B 353 6.46 13.88 -8.47
N PRO B 354 7.30 14.23 -9.46
CA PRO B 354 7.45 15.63 -9.84
C PRO B 354 6.11 16.26 -10.17
N GLY B 355 5.84 17.42 -9.59
CA GLY B 355 4.57 18.07 -9.85
C GLY B 355 3.60 17.92 -8.71
N LYS B 356 3.91 17.02 -7.77
CA LYS B 356 3.06 16.81 -6.60
C LYS B 356 3.66 17.63 -5.47
N SER B 357 2.84 17.98 -4.49
CA SER B 357 3.33 18.74 -3.36
C SER B 357 3.78 17.82 -2.23
N ARG B 358 4.75 18.30 -1.47
CA ARG B 358 5.30 17.55 -0.35
C ARG B 358 4.27 17.36 0.75
N ASP B 359 4.51 16.38 1.60
CA ASP B 359 3.67 16.10 2.75
C ASP B 359 4.50 15.16 3.62
N PHE B 360 4.16 15.05 4.89
CA PHE B 360 4.96 14.21 5.78
C PHE B 360 4.85 12.71 5.53
N TYR B 361 3.76 12.27 4.91
CA TYR B 361 3.56 10.87 4.59
C TYR B 361 4.61 10.45 3.58
N HIS B 362 4.67 11.16 2.46
CA HIS B 362 5.66 10.85 1.44
C HIS B 362 7.09 11.12 1.91
N THR B 363 7.26 12.05 2.84
CA THR B 363 8.59 12.33 3.35
C THR B 363 9.05 11.08 4.12
N CYS B 364 8.18 10.55 4.96
CA CYS B 364 8.49 9.37 5.75
C CYS B 364 8.80 8.14 4.90
N TYR B 365 7.94 7.85 3.93
CA TYR B 365 8.15 6.67 3.11
C TYR B 365 9.17 6.77 2.01
N CYS B 366 9.40 7.95 1.47
CA CYS B 366 10.44 8.08 0.45
C CYS B 366 11.77 7.79 1.17
N LEU B 367 11.92 8.34 2.37
CA LEU B 367 13.15 8.14 3.13
C LEU B 367 13.30 6.68 3.56
N SER B 368 12.21 6.08 4.02
CA SER B 368 12.25 4.67 4.44
C SER B 368 12.67 3.81 3.26
N GLY B 369 12.14 4.11 2.08
CA GLY B 369 12.48 3.36 0.88
C GLY B 369 13.93 3.59 0.49
N LEU B 370 14.43 4.81 0.66
CA LEU B 370 15.80 5.11 0.31
C LEU B 370 16.73 4.28 1.22
N SER B 371 16.39 4.20 2.50
CA SER B 371 17.18 3.43 3.44
C SER B 371 17.24 1.96 3.03
N ILE B 372 16.08 1.39 2.75
CA ILE B 372 16.00 0.00 2.31
C ILE B 372 16.94 -0.27 1.12
N ALA B 373 16.91 0.61 0.14
CA ALA B 373 17.73 0.47 -1.06
C ALA B 373 19.23 0.70 -0.84
N GLN B 374 19.58 1.36 0.26
CA GLN B 374 20.97 1.64 0.58
C GLN B 374 21.58 0.53 1.44
N HIS B 375 20.77 -0.13 2.25
CA HIS B 375 21.30 -1.16 3.13
C HIS B 375 20.81 -2.58 2.93
N PHE B 376 21.77 -3.46 2.67
CA PHE B 376 21.49 -4.89 2.50
C PHE B 376 22.07 -5.60 3.72
N GLY B 377 21.31 -6.52 4.29
CA GLY B 377 21.78 -7.25 5.44
C GLY B 377 21.07 -8.57 5.66
N SER B 378 21.78 -9.67 5.40
CA SER B 378 21.23 -11.01 5.59
C SER B 378 22.09 -11.77 6.61
N GLY B 379 21.98 -11.36 7.86
CA GLY B 379 22.75 -12.00 8.93
C GLY B 379 24.10 -11.35 9.12
N ALA B 380 25.17 -12.10 8.83
CA ALA B 380 26.53 -11.59 8.98
C ALA B 380 26.93 -10.82 7.71
N MET B 381 26.20 -11.08 6.63
CA MET B 381 26.46 -10.42 5.35
C MET B 381 25.94 -8.99 5.42
N LEU B 382 26.76 -8.04 4.99
CA LEU B 382 26.35 -6.64 5.01
C LEU B 382 26.96 -5.84 3.85
N HIS B 383 26.13 -5.36 2.94
CA HIS B 383 26.61 -4.58 1.81
C HIS B 383 25.74 -3.35 1.54
N ASP B 384 26.37 -2.18 1.52
CA ASP B 384 25.66 -0.93 1.27
C ASP B 384 25.87 -0.38 -0.14
N VAL B 385 24.88 0.36 -0.61
CA VAL B 385 24.91 0.99 -1.93
C VAL B 385 24.38 2.41 -1.70
N VAL B 386 25.27 3.39 -1.75
CA VAL B 386 24.87 4.78 -1.53
C VAL B 386 25.11 5.62 -2.76
N MET B 387 24.04 5.88 -3.52
CA MET B 387 24.16 6.69 -4.73
C MET B 387 24.38 8.15 -4.35
N GLY B 388 25.11 8.88 -5.20
CA GLY B 388 25.38 10.27 -4.94
C GLY B 388 26.38 10.44 -3.81
N VAL B 389 26.47 11.65 -3.25
CA VAL B 389 27.41 11.92 -2.16
C VAL B 389 27.16 11.00 -0.97
N PRO B 390 28.24 10.59 -0.28
CA PRO B 390 28.20 9.70 0.88
C PRO B 390 27.41 10.21 2.09
N GLU B 391 27.13 11.50 2.12
CA GLU B 391 26.35 12.06 3.21
C GLU B 391 24.89 11.62 3.07
N ASN B 392 24.57 11.10 1.88
CA ASN B 392 23.23 10.61 1.56
C ASN B 392 22.80 9.39 2.36
N VAL B 393 23.75 8.67 2.96
CA VAL B 393 23.41 7.48 3.73
C VAL B 393 22.57 7.75 4.97
N LEU B 394 21.48 6.99 5.11
CA LEU B 394 20.54 7.13 6.22
C LEU B 394 20.70 6.00 7.21
N GLN B 395 20.03 6.11 8.35
CA GLN B 395 20.06 5.05 9.34
C GLN B 395 19.19 3.91 8.79
N PRO B 396 19.50 2.67 9.17
CA PRO B 396 18.72 1.51 8.69
C PRO B 396 17.31 1.46 9.27
N THR B 397 16.41 0.77 8.59
CA THR B 397 15.05 0.64 9.08
C THR B 397 14.65 -0.83 9.07
N HIS B 398 13.90 -1.23 10.10
CA HIS B 398 13.43 -2.61 10.20
C HIS B 398 12.33 -2.82 9.16
N PRO B 399 12.50 -3.80 8.25
CA PRO B 399 11.52 -4.09 7.19
C PRO B 399 10.12 -4.56 7.61
N VAL B 400 9.93 -4.84 8.89
CA VAL B 400 8.60 -5.26 9.34
C VAL B 400 7.82 -4.11 9.98
N TYR B 401 8.48 -3.39 10.90
CA TYR B 401 7.87 -2.29 11.64
C TYR B 401 8.14 -0.89 11.07
N ASN B 402 9.20 -0.78 10.28
CA ASN B 402 9.63 0.47 9.69
C ASN B 402 9.98 1.51 10.75
N ILE B 403 10.80 1.08 11.70
CA ILE B 403 11.37 1.92 12.75
C ILE B 403 12.78 1.35 12.89
N GLY B 404 13.67 2.08 13.57
CA GLY B 404 15.03 1.60 13.73
C GLY B 404 15.11 0.16 14.22
N PRO B 405 15.95 -0.67 13.60
CA PRO B 405 16.11 -2.08 14.00
C PRO B 405 16.46 -2.21 15.48
N ASP B 406 17.11 -1.17 16.00
CA ASP B 406 17.52 -1.11 17.40
C ASP B 406 16.34 -0.77 18.29
N LYS B 407 15.43 0.04 17.79
CA LYS B 407 14.24 0.42 18.55
C LYS B 407 13.36 -0.81 18.72
N VAL B 408 13.32 -1.64 17.69
CA VAL B 408 12.51 -2.85 17.73
C VAL B 408 13.02 -3.79 18.83
N ILE B 409 14.31 -4.14 18.74
CA ILE B 409 14.95 -5.02 19.72
C ILE B 409 14.77 -4.46 21.13
N GLN B 410 15.15 -3.20 21.32
CA GLN B 410 15.02 -2.56 22.62
C GLN B 410 13.59 -2.64 23.14
N ALA B 411 12.62 -2.30 22.29
CA ALA B 411 11.22 -2.32 22.70
C ALA B 411 10.73 -3.72 23.09
N THR B 412 10.91 -4.69 22.20
CA THR B 412 10.47 -6.06 22.50
C THR B 412 11.14 -6.56 23.76
N THR B 413 12.44 -6.29 23.90
CA THR B 413 13.16 -6.73 25.09
C THR B 413 12.51 -6.13 26.32
N HIS B 414 12.23 -4.84 26.28
CA HIS B 414 11.60 -4.18 27.42
C HIS B 414 10.26 -4.80 27.81
N PHE B 415 9.40 -5.02 26.83
CA PHE B 415 8.08 -5.57 27.11
C PHE B 415 8.08 -7.06 27.40
N LEU B 416 9.14 -7.75 27.03
CA LEU B 416 9.23 -9.18 27.31
C LEU B 416 9.46 -9.37 28.80
N GLN B 417 9.71 -8.26 29.51
CA GLN B 417 9.93 -8.29 30.95
C GLN B 417 8.57 -8.25 31.64
N LYS B 418 7.56 -7.84 30.88
CA LYS B 418 6.20 -7.76 31.39
C LYS B 418 5.51 -9.08 31.08
N PRO B 419 4.43 -9.40 31.80
CA PRO B 419 3.73 -10.66 31.53
C PRO B 419 2.58 -10.40 30.55
N VAL B 420 2.37 -11.33 29.62
CA VAL B 420 1.28 -11.19 28.66
C VAL B 420 -0.01 -11.01 29.45
N PRO B 421 -0.66 -9.84 29.32
CA PRO B 421 -1.91 -9.51 30.02
C PRO B 421 -2.79 -10.70 30.38
N GLY B 422 -3.10 -10.81 31.67
CA GLY B 422 -3.91 -11.90 32.16
C GLY B 422 -3.03 -13.10 32.46
N PHE B 423 -1.75 -12.96 32.10
CA PHE B 423 -0.74 -14.00 32.28
C PHE B 423 -0.91 -15.10 31.23
N GLY C 1 -3.17 13.65 -1.70
CA GLY C 1 -2.26 12.58 -2.20
C GLY C 1 -2.78 11.18 -1.92
N CYS C 2 -2.02 10.42 -1.13
CA CYS C 2 -2.40 9.05 -0.77
C CYS C 2 -3.06 9.04 0.62
N VAL C 3 -3.87 8.02 0.88
CA VAL C 3 -4.55 7.88 2.17
C VAL C 3 -4.28 6.49 2.77
N LEU C 4 -4.11 6.45 4.09
CA LEU C 4 -3.85 5.20 4.81
C LEU C 4 -5.00 4.82 5.73
N SER C 5 -5.73 5.82 6.22
CA SER C 5 -6.86 5.60 7.11
C SER C 5 -7.91 6.72 7.00
#